data_8GON
#
_entry.id   8GON
#
_cell.length_a   147.366
_cell.length_b   147.366
_cell.length_c   178.819
_cell.angle_alpha   90.000
_cell.angle_beta   90.000
_cell.angle_gamma   120.000
#
_symmetry.space_group_name_H-M   'P 65 2 2'
#
loop_
_entity.id
_entity.type
_entity.pdbx_description
1 polymer 'MHC class I antigen'
2 polymer Beta-2-microglobulin
3 polymer 'Spike protein S2'
4 polymer 'SARS-CoV-2 specific private TCR RLQ7 alpha'
5 polymer 'SARS-CoV-2 specific private TCR RLQ7 beta'
6 non-polymer 'TETRAETHYLENE GLYCOL'
7 water water
#
loop_
_entity_poly.entity_id
_entity_poly.type
_entity_poly.pdbx_seq_one_letter_code
_entity_poly.pdbx_strand_id
1 'polypeptide(L)'
;MGSHSMRYFFTSVSRPGRGEPRFIAVGYVDDTQFVRFDSDAASQRMEPRAPWIEQEGPEYWDGETRKVKAHSQTHRVDLG
TLRGYYNQSEAGSHTVQRMYGCDVGSDWRFLRGYHQYAYDGKDYIALKEDLRSWTAADMAAQTTKHKWEAAHVAEQLRAY
LEGTCVEWLRRYLENGKETLQRTDAPKTHMTHHAVSDHEATLRCWALSFYPAEITLTWQRDGEDQTQDTELVETRPAGDG
TFQKWAAVVVPSGQEQRYTCHVQHEGLPKPLTLRWE
;
A
2 'polypeptide(L)'
;MIQRTPKIQVYSRHPAENGKSNFLNCYVSGFHPSDIEVDLLKNGERIEKVEHSDLSFSKDWSFYLLYYTEFTPTEKDEYA
CRVNHVTLSQPKIVKWDRDM
;
B
3 'polypeptide(L)' RLQSLQIYV C
4 'polypeptide(L)'
;MAQTVTQSQPEMSVQEAETVTLSCTYDTSESDYYLFWYKQPPSRQMILVIRQEAYKQQNATENRFSVNFQKAAKSFSLKI
SDSQLGDAAMYFCASSGNTPLVFGKGTRLSVIPNIQNPDPAVYQLRDSKSSDKSVCLFTDFDSQTNVSQSKDSDVYITDK
CVLDMRSMDFKSNSAVAWSNKSDFACANAFNNSIIPEDTFFPSPESS
;
D
5 'polypeptide(L)'
;MDAGVIQSPRHEVTEMGQEVTLRCKPISGHNSLFWYRQTMMRGLELLIYFNNNVPIDDSGMPEDRFSAKMPNASFSTLKI
QPSEPRDSAVYFCASTWGRASTDTQYFGPGTRLTVLEDLKNVFPPEVAVFEPSEAEISHTQKATLVCLATGFYPDHVELS
WWVNGKEVHSGVCTDPQPLKEQPALNDSRYALSSRLRVSATFWQNPRNHFRCQVQFYGLSENDEWTQDRAKPVTQIVSAE
AWGRAD
;
E
#
loop_
_chem_comp.id
_chem_comp.type
_chem_comp.name
_chem_comp.formula
PG4 non-polymer 'TETRAETHYLENE GLYCOL' 'C8 H18 O5'
#
# COMPACT_ATOMS: atom_id res chain seq x y z
N GLY A 2 0.57 -13.63 -34.07
CA GLY A 2 1.19 -14.79 -33.45
C GLY A 2 0.91 -14.83 -31.96
N SER A 3 1.61 -15.69 -31.22
CA SER A 3 1.54 -15.64 -29.76
C SER A 3 2.48 -14.55 -29.23
N HIS A 4 2.16 -13.99 -28.07
CA HIS A 4 2.98 -12.93 -27.49
C HIS A 4 3.02 -13.02 -25.98
N SER A 5 3.98 -12.31 -25.40
CA SER A 5 4.14 -12.30 -23.95
C SER A 5 4.59 -10.94 -23.48
N MET A 6 4.25 -10.63 -22.23
CA MET A 6 4.74 -9.48 -21.50
C MET A 6 5.42 -9.94 -20.23
N ARG A 7 6.66 -9.49 -20.01
CA ARG A 7 7.46 -10.00 -18.90
C ARG A 7 8.13 -8.85 -18.18
N TYR A 8 8.19 -8.96 -16.85
CA TYR A 8 8.99 -8.04 -16.06
C TYR A 8 10.05 -8.80 -15.28
N PHE A 9 11.25 -8.24 -15.25
CA PHE A 9 12.41 -8.85 -14.60
C PHE A 9 12.89 -7.86 -13.54
N PHE A 10 13.14 -8.36 -12.33
CA PHE A 10 13.63 -7.53 -11.25
C PHE A 10 14.88 -8.15 -10.66
N THR A 11 15.86 -7.30 -10.41
CA THR A 11 17.12 -7.71 -9.84
C THR A 11 17.48 -6.71 -8.76
N SER A 12 17.80 -7.22 -7.57
CA SER A 12 18.09 -6.41 -6.40
C SER A 12 19.36 -6.98 -5.78
N VAL A 13 20.38 -6.14 -5.66
CA VAL A 13 21.70 -6.55 -5.18
C VAL A 13 22.08 -5.72 -3.96
N SER A 14 22.22 -6.38 -2.81
CA SER A 14 22.73 -5.71 -1.61
C SER A 14 24.22 -5.45 -1.73
N ARG A 15 24.67 -4.32 -1.20
CA ARG A 15 26.10 -3.98 -1.14
C ARG A 15 26.39 -3.51 0.28
N PRO A 16 26.49 -4.45 1.25
CA PRO A 16 26.67 -4.07 2.66
C PRO A 16 27.76 -3.03 2.88
N GLY A 17 27.37 -1.90 3.46
CA GLY A 17 28.33 -0.84 3.71
C GLY A 17 28.76 -0.07 2.48
N ARG A 18 27.92 -0.02 1.44
CA ARG A 18 28.20 0.77 0.26
C ARG A 18 26.96 1.50 -0.25
N GLY A 19 25.86 1.50 0.50
CA GLY A 19 24.63 2.14 0.10
C GLY A 19 23.46 1.17 0.15
N GLU A 20 22.28 1.75 -0.11
CA GLU A 20 21.08 0.92 -0.24
C GLU A 20 21.26 -0.05 -1.41
N PRO A 21 20.55 -1.19 -1.40
CA PRO A 21 20.75 -2.18 -2.47
C PRO A 21 20.43 -1.59 -3.84
N ARG A 22 21.23 -1.96 -4.83
CA ARG A 22 20.91 -1.60 -6.20
C ARG A 22 19.70 -2.39 -6.71
N PHE A 23 18.80 -1.70 -7.39
CA PHE A 23 17.56 -2.29 -7.88
C PHE A 23 17.35 -1.93 -9.34
N ILE A 24 17.15 -2.95 -10.18
CA ILE A 24 16.96 -2.77 -11.61
C ILE A 24 15.71 -3.53 -12.05
N ALA A 25 14.82 -2.85 -12.75
CA ALA A 25 13.61 -3.44 -13.31
C ALA A 25 13.57 -3.21 -14.82
N VAL A 26 13.19 -4.24 -15.57
CA VAL A 26 13.12 -4.17 -17.02
C VAL A 26 11.82 -4.83 -17.44
N GLY A 27 11.13 -4.20 -18.39
CA GLY A 27 9.90 -4.74 -18.95
C GLY A 27 10.08 -5.06 -20.41
N TYR A 28 9.53 -6.20 -20.83
CA TYR A 28 9.65 -6.72 -22.18
C TYR A 28 8.30 -7.12 -22.70
N VAL A 29 8.03 -6.79 -23.96
CA VAL A 29 7.04 -7.49 -24.77
C VAL A 29 7.83 -8.34 -25.76
N ASP A 30 7.65 -9.65 -25.71
CA ASP A 30 8.42 -10.61 -26.52
C ASP A 30 9.91 -10.30 -26.37
N ASP A 31 10.63 -10.05 -27.45
CA ASP A 31 12.07 -9.85 -27.38
C ASP A 31 12.45 -8.37 -27.30
N THR A 32 11.45 -7.48 -27.18
CA THR A 32 11.62 -6.02 -27.26
C THR A 32 11.46 -5.37 -25.88
N GLN A 33 12.54 -4.80 -25.35
CA GLN A 33 12.46 -4.03 -24.11
C GLN A 33 11.61 -2.77 -24.32
N PHE A 34 10.87 -2.38 -23.28
CA PHE A 34 10.07 -1.15 -23.39
C PHE A 34 10.04 -0.24 -22.15
N VAL A 35 10.36 -0.71 -20.93
CA VAL A 35 10.47 0.17 -19.77
C VAL A 35 11.74 -0.19 -19.02
N ARG A 36 12.06 0.65 -18.03
CA ARG A 36 13.31 0.53 -17.32
C ARG A 36 13.23 1.36 -16.04
N PHE A 37 13.76 0.80 -14.95
CA PHE A 37 14.02 1.56 -13.74
C PHE A 37 15.35 1.10 -13.14
N ASP A 38 16.20 2.07 -12.81
CA ASP A 38 17.50 1.82 -12.18
C ASP A 38 17.66 2.74 -10.99
N SER A 39 17.76 2.14 -9.79
CA SER A 39 17.81 2.88 -8.53
C SER A 39 19.07 3.73 -8.41
N ASP A 40 20.13 3.43 -9.15
CA ASP A 40 21.30 4.28 -9.23
C ASP A 40 21.22 5.33 -10.33
N ALA A 41 20.21 5.29 -11.19
CA ALA A 41 20.06 6.38 -12.15
C ALA A 41 19.51 7.61 -11.44
N ALA A 42 19.58 8.76 -12.10
CA ALA A 42 19.22 10.00 -11.44
C ALA A 42 17.71 10.25 -11.51
N SER A 43 17.09 9.91 -12.64
CA SER A 43 15.69 10.27 -12.85
C SER A 43 14.79 9.78 -11.71
N GLN A 44 15.08 8.60 -11.15
CA GLN A 44 14.25 7.98 -10.13
C GLN A 44 12.82 7.77 -10.64
N ARG A 45 12.71 7.38 -11.91
CA ARG A 45 11.43 7.22 -12.56
C ARG A 45 11.45 5.97 -13.41
N MET A 46 10.27 5.43 -13.65
CA MET A 46 10.10 4.40 -14.67
C MET A 46 10.24 5.06 -16.03
N GLU A 47 11.37 4.77 -16.75
CA GLU A 47 11.64 5.46 -18.01
C GLU A 47 11.20 4.62 -19.19
N PRO A 48 10.75 5.26 -20.28
CA PRO A 48 10.46 4.52 -21.50
C PRO A 48 11.73 4.04 -22.18
N ARG A 49 11.61 2.91 -22.88
CA ARG A 49 12.70 2.37 -23.68
C ARG A 49 12.25 1.92 -25.06
N ALA A 50 10.99 2.12 -25.41
CA ALA A 50 10.50 1.91 -26.75
C ALA A 50 9.82 3.20 -27.18
N PRO A 51 9.69 3.45 -28.49
CA PRO A 51 8.96 4.66 -28.90
C PRO A 51 7.46 4.53 -28.72
N TRP A 52 6.90 3.32 -28.88
CA TRP A 52 5.45 3.16 -28.79
C TRP A 52 4.93 3.27 -27.36
N ILE A 53 5.79 3.20 -26.35
CA ILE A 53 5.33 3.37 -24.98
C ILE A 53 5.35 4.85 -24.60
N GLU A 54 6.06 5.68 -25.36
CA GLU A 54 6.12 7.12 -25.11
C GLU A 54 4.76 7.80 -25.20
N GLN A 55 3.81 7.22 -25.94
CA GLN A 55 2.47 7.76 -26.05
C GLN A 55 1.56 7.39 -24.85
N GLU A 56 2.15 6.98 -23.73
CA GLU A 56 1.42 6.91 -22.48
C GLU A 56 1.42 8.27 -21.82
N GLY A 57 0.33 8.55 -21.12
CA GLY A 57 0.17 9.82 -20.47
C GLY A 57 1.01 9.95 -19.22
N PRO A 58 1.11 11.17 -18.71
CA PRO A 58 1.93 11.38 -17.51
C PRO A 58 1.43 10.60 -16.32
N GLU A 59 0.12 10.37 -16.22
CA GLU A 59 -0.41 9.62 -15.09
C GLU A 59 0.02 8.16 -15.11
N TYR A 60 0.20 7.59 -16.31
CA TYR A 60 0.79 6.25 -16.41
C TYR A 60 2.21 6.23 -15.83
N TRP A 61 3.04 7.21 -16.19
CA TRP A 61 4.42 7.18 -15.73
C TRP A 61 4.52 7.44 -14.22
N ASP A 62 3.61 8.23 -13.66
CA ASP A 62 3.55 8.36 -12.20
C ASP A 62 3.19 7.03 -11.55
N GLY A 63 2.23 6.30 -12.12
CA GLY A 63 1.78 5.07 -11.50
C GLY A 63 2.80 3.94 -11.59
N GLU A 64 3.41 3.76 -12.77
CA GLU A 64 4.49 2.78 -12.88
C GLU A 64 5.64 3.14 -11.95
N THR A 65 5.95 4.41 -11.81
CA THR A 65 7.07 4.81 -10.92
C THR A 65 6.72 4.50 -9.47
N ARG A 66 5.47 4.63 -9.09
CA ARG A 66 5.12 4.34 -7.68
C ARG A 66 5.19 2.84 -7.46
N LYS A 67 4.71 2.09 -8.41
CA LYS A 67 4.68 0.63 -8.28
C LYS A 67 6.10 0.09 -8.33
N VAL A 68 6.97 0.66 -9.13
CA VAL A 68 8.30 0.09 -9.19
C VAL A 68 9.14 0.51 -8.00
N LYS A 69 8.92 1.73 -7.47
CA LYS A 69 9.65 2.13 -6.27
C LYS A 69 9.24 1.28 -5.07
N ALA A 70 7.98 0.87 -5.01
CA ALA A 70 7.54 -0.03 -3.94
C ALA A 70 8.09 -1.43 -4.14
N HIS A 71 8.10 -1.94 -5.39
CA HIS A 71 8.80 -3.19 -5.68
C HIS A 71 10.19 -3.19 -5.06
N SER A 72 10.96 -2.13 -5.34
CA SER A 72 12.32 -2.02 -4.84
C SER A 72 12.36 -2.18 -3.31
N GLN A 73 11.45 -1.50 -2.61
CA GLN A 73 11.42 -1.57 -1.14
C GLN A 73 11.03 -2.97 -0.64
N THR A 74 10.08 -3.65 -1.28
CA THR A 74 9.80 -5.00 -0.80
C THR A 74 11.01 -5.90 -1.01
N HIS A 75 11.76 -5.66 -2.09
CA HIS A 75 12.97 -6.46 -2.31
C HIS A 75 14.04 -6.11 -1.29
N ARG A 76 14.18 -4.81 -0.97
CA ARG A 76 15.10 -4.46 0.10
C ARG A 76 14.76 -5.21 1.38
N VAL A 77 13.46 -5.35 1.68
CA VAL A 77 13.05 -6.11 2.85
C VAL A 77 13.34 -7.59 2.64
N ASP A 78 12.98 -8.11 1.46
CA ASP A 78 13.23 -9.54 1.18
C ASP A 78 14.69 -9.91 1.40
N LEU A 79 15.62 -9.06 0.94
CA LEU A 79 17.04 -9.30 1.16
C LEU A 79 17.32 -9.56 2.65
N GLY A 80 16.88 -8.64 3.52
CA GLY A 80 17.03 -8.84 4.96
C GLY A 80 16.42 -10.15 5.44
N THR A 81 15.17 -10.40 5.06
CA THR A 81 14.50 -11.64 5.47
C THR A 81 15.27 -12.86 5.01
N LEU A 82 15.77 -12.84 3.77
CA LEU A 82 16.40 -14.05 3.23
C LEU A 82 17.75 -14.30 3.88
N ARG A 83 18.49 -13.22 4.20
CA ARG A 83 19.70 -13.35 4.98
C ARG A 83 19.42 -14.05 6.30
N GLY A 84 18.38 -13.60 7.01
CA GLY A 84 17.88 -14.31 8.17
C GLY A 84 17.60 -15.77 7.88
N TYR A 85 16.76 -16.05 6.88
CA TYR A 85 16.34 -17.43 6.62
C TYR A 85 17.51 -18.40 6.46
N TYR A 86 18.65 -17.93 5.93
CA TYR A 86 19.76 -18.83 5.61
C TYR A 86 20.95 -18.66 6.56
N ASN A 87 20.82 -17.85 7.62
CA ASN A 87 21.85 -17.68 8.65
C ASN A 87 23.15 -17.12 8.06
N GLN A 88 22.97 -16.09 7.27
CA GLN A 88 24.12 -15.52 6.56
C GLN A 88 24.57 -14.28 7.29
N SER A 89 25.79 -13.89 7.04
CA SER A 89 26.35 -12.69 7.70
C SER A 89 25.86 -11.44 6.99
N GLU A 90 26.14 -10.29 7.57
CA GLU A 90 25.71 -9.03 6.96
C GLU A 90 26.84 -8.43 6.15
N ALA A 91 27.89 -9.19 5.89
CA ALA A 91 29.04 -8.72 5.09
C ALA A 91 28.88 -9.13 3.63
N GLY A 92 28.14 -10.18 3.37
CA GLY A 92 28.02 -10.68 1.99
C GLY A 92 26.99 -9.97 1.14
N SER A 93 27.31 -9.77 -0.13
CA SER A 93 26.39 -9.16 -1.09
C SER A 93 25.50 -10.25 -1.68
N HIS A 94 24.19 -10.06 -1.62
CA HIS A 94 23.28 -11.10 -2.13
C HIS A 94 22.33 -10.54 -3.18
N THR A 95 21.65 -11.44 -3.88
CA THR A 95 20.85 -11.11 -5.05
C THR A 95 19.48 -11.72 -4.93
N VAL A 96 18.47 -10.90 -5.17
CA VAL A 96 17.06 -11.36 -5.25
C VAL A 96 16.62 -11.15 -6.70
N GLN A 97 16.09 -12.16 -7.35
CA GLN A 97 15.62 -12.00 -8.73
C GLN A 97 14.15 -12.37 -8.77
N ARG A 98 13.37 -11.66 -9.57
CA ARG A 98 11.93 -11.95 -9.71
C ARG A 98 11.56 -11.82 -11.18
N MET A 99 10.74 -12.71 -11.69
CA MET A 99 10.29 -12.62 -13.07
C MET A 99 8.80 -12.92 -13.08
N TYR A 100 8.02 -12.10 -13.72
CA TYR A 100 6.59 -12.44 -13.82
C TYR A 100 6.08 -12.00 -15.18
N GLY A 101 5.00 -12.59 -15.62
CA GLY A 101 4.43 -12.16 -16.89
C GLY A 101 3.31 -13.03 -17.34
N CYS A 102 2.78 -12.74 -18.50
CA CYS A 102 1.69 -13.55 -19.01
C CYS A 102 1.93 -13.76 -20.48
N ASP A 103 1.43 -14.87 -20.99
CA ASP A 103 1.58 -15.17 -22.42
C ASP A 103 0.21 -15.13 -23.05
N VAL A 104 0.09 -14.63 -24.26
CA VAL A 104 -1.23 -14.75 -24.92
C VAL A 104 -1.02 -15.59 -26.17
N GLY A 105 -2.08 -16.24 -26.62
CA GLY A 105 -1.97 -17.00 -27.87
C GLY A 105 -2.28 -16.11 -29.05
N SER A 106 -2.40 -16.68 -30.23
CA SER A 106 -2.67 -15.89 -31.46
C SER A 106 -4.03 -15.22 -31.43
N ASP A 107 -5.00 -15.65 -30.63
CA ASP A 107 -6.28 -14.92 -30.50
C ASP A 107 -6.17 -13.80 -29.46
N TRP A 108 -5.00 -13.68 -28.79
CA TRP A 108 -4.63 -12.67 -27.78
C TRP A 108 -5.38 -12.94 -26.50
N ARG A 109 -5.78 -14.17 -26.27
CA ARG A 109 -6.48 -14.50 -25.02
C ARG A 109 -5.47 -15.09 -24.08
N PHE A 110 -5.74 -14.96 -22.79
CA PHE A 110 -4.83 -15.48 -21.76
C PHE A 110 -4.52 -16.96 -22.00
N LEU A 111 -3.26 -17.31 -21.87
CA LEU A 111 -2.84 -18.69 -22.12
C LEU A 111 -2.02 -19.22 -20.96
N ARG A 112 -1.12 -18.41 -20.42
CA ARG A 112 -0.23 -18.94 -19.38
C ARG A 112 0.30 -17.79 -18.53
N GLY A 113 0.50 -18.02 -17.24
CA GLY A 113 1.02 -17.00 -16.34
C GLY A 113 2.17 -17.54 -15.53
N TYR A 114 3.03 -16.67 -15.03
CA TYR A 114 4.20 -17.15 -14.26
C TYR A 114 4.63 -16.08 -13.26
N HIS A 115 5.26 -16.50 -12.17
CA HIS A 115 5.79 -15.59 -11.12
C HIS A 115 6.89 -16.34 -10.38
N GLN A 116 8.15 -16.06 -10.63
CA GLN A 116 9.17 -16.87 -9.93
C GLN A 116 10.13 -15.99 -9.17
N TYR A 117 10.75 -16.52 -8.13
CA TYR A 117 11.77 -15.80 -7.35
C TYR A 117 13.01 -16.65 -7.26
N ALA A 118 14.16 -16.00 -7.25
CA ALA A 118 15.49 -16.56 -7.10
C ALA A 118 16.20 -15.78 -6.01
N TYR A 119 17.02 -16.47 -5.26
CA TYR A 119 17.86 -15.83 -4.24
C TYR A 119 19.23 -16.42 -4.45
N ASP A 120 20.20 -15.58 -4.77
CA ASP A 120 21.60 -15.98 -4.93
C ASP A 120 21.81 -16.89 -6.15
N GLY A 121 21.05 -16.69 -7.20
CA GLY A 121 21.26 -17.46 -8.43
C GLY A 121 20.50 -18.75 -8.45
N LYS A 122 19.72 -19.03 -7.43
CA LYS A 122 19.03 -20.33 -7.39
C LYS A 122 17.55 -20.14 -7.21
N ASP A 123 16.77 -21.09 -7.66
CA ASP A 123 15.31 -21.07 -7.48
C ASP A 123 14.96 -20.92 -6.00
N TYR A 124 14.00 -20.08 -5.69
CA TYR A 124 13.55 -19.93 -4.29
C TYR A 124 12.11 -20.42 -4.21
N ILE A 125 11.21 -19.73 -4.86
CA ILE A 125 9.81 -20.13 -4.88
C ILE A 125 9.25 -19.72 -6.23
N ALA A 126 8.20 -20.41 -6.67
CA ALA A 126 7.62 -20.14 -7.97
C ALA A 126 6.15 -20.56 -7.95
N LEU A 127 5.35 -19.81 -8.69
CA LEU A 127 3.95 -20.17 -8.91
C LEU A 127 3.89 -21.32 -9.90
N LYS A 128 3.07 -22.33 -9.60
CA LYS A 128 2.97 -23.46 -10.51
C LYS A 128 2.08 -23.09 -11.69
N GLU A 129 2.22 -23.87 -12.77
CA GLU A 129 1.51 -23.58 -14.02
C GLU A 129 0.02 -23.36 -13.79
N ASP A 130 -0.57 -24.05 -12.81
CA ASP A 130 -2.00 -23.90 -12.55
C ASP A 130 -2.37 -22.60 -11.84
N LEU A 131 -1.37 -21.81 -11.40
CA LEU A 131 -1.57 -20.52 -10.73
C LEU A 131 -2.34 -20.63 -9.40
N ARG A 132 -2.36 -21.82 -8.78
CA ARG A 132 -3.04 -22.05 -7.51
C ARG A 132 -2.14 -22.59 -6.41
N SER A 133 -1.00 -23.18 -6.75
CA SER A 133 -0.05 -23.78 -5.83
C SER A 133 1.28 -23.06 -5.92
N TRP A 134 2.24 -23.51 -5.12
CA TRP A 134 3.61 -22.99 -5.13
C TRP A 134 4.59 -24.14 -5.21
N THR A 135 5.75 -23.85 -5.80
CA THR A 135 6.89 -24.76 -5.77
C THR A 135 7.96 -24.06 -4.96
N ALA A 136 8.16 -24.55 -3.74
CA ALA A 136 9.21 -23.99 -2.87
C ALA A 136 10.46 -24.84 -3.04
N ALA A 137 11.59 -24.20 -3.21
CA ALA A 137 12.84 -24.90 -3.55
C ALA A 137 13.45 -25.63 -2.37
N ASP A 138 13.59 -24.95 -1.25
CA ASP A 138 14.20 -25.63 -0.10
C ASP A 138 13.24 -25.55 1.07
N MET A 139 13.75 -25.69 2.28
CA MET A 139 12.96 -25.65 3.51
C MET A 139 12.67 -24.19 3.80
N ALA A 140 13.70 -23.37 3.65
CA ALA A 140 13.54 -21.94 3.85
C ALA A 140 12.34 -21.40 3.06
N ALA A 141 12.28 -21.73 1.78
CA ALA A 141 11.18 -21.28 0.94
C ALA A 141 9.84 -21.81 1.40
N GLN A 142 9.83 -22.90 2.17
CA GLN A 142 8.58 -23.41 2.72
C GLN A 142 7.94 -22.38 3.65
N THR A 143 8.77 -21.64 4.40
CA THR A 143 8.25 -20.57 5.24
C THR A 143 7.45 -19.56 4.41
N THR A 144 8.02 -19.13 3.28
CA THR A 144 7.33 -18.16 2.43
C THR A 144 6.07 -18.77 1.83
N LYS A 145 6.12 -20.06 1.47
CA LYS A 145 4.94 -20.73 0.95
C LYS A 145 3.76 -20.59 1.91
N HIS A 146 4.02 -20.79 3.20
CA HIS A 146 2.94 -20.75 4.16
C HIS A 146 2.45 -19.33 4.40
N LYS A 147 3.35 -18.36 4.48
CA LYS A 147 2.94 -16.96 4.54
C LYS A 147 2.00 -16.62 3.39
N TRP A 148 2.35 -17.03 2.17
CA TRP A 148 1.58 -16.61 1.01
C TRP A 148 0.31 -17.43 0.84
N GLU A 149 0.31 -18.69 1.27
CA GLU A 149 -0.94 -19.44 1.23
C GLU A 149 -1.93 -18.91 2.24
N ALA A 150 -1.43 -18.41 3.38
CA ALA A 150 -2.31 -17.83 4.39
C ALA A 150 -2.97 -16.57 3.85
N ALA A 151 -2.22 -15.74 3.12
CA ALA A 151 -2.73 -14.50 2.57
C ALA A 151 -3.43 -14.67 1.22
N HIS A 152 -3.46 -15.91 0.67
CA HIS A 152 -4.10 -16.19 -0.62
C HIS A 152 -3.40 -15.46 -1.76
N VAL A 153 -2.07 -15.42 -1.69
CA VAL A 153 -1.30 -14.65 -2.67
C VAL A 153 -1.49 -15.22 -4.09
N ALA A 154 -1.48 -16.55 -4.24
CA ALA A 154 -1.66 -17.13 -5.58
C ALA A 154 -2.91 -16.58 -6.24
N GLU A 155 -4.04 -16.64 -5.53
CA GLU A 155 -5.29 -16.10 -6.06
C GLU A 155 -5.12 -14.66 -6.51
N GLN A 156 -4.35 -13.87 -5.77
CA GLN A 156 -4.24 -12.44 -6.07
C GLN A 156 -3.35 -12.21 -7.28
N LEU A 157 -2.24 -12.93 -7.38
CA LEU A 157 -1.44 -12.90 -8.60
C LEU A 157 -2.27 -13.32 -9.81
N ARG A 158 -3.06 -14.37 -9.65
CA ARG A 158 -3.88 -14.85 -10.75
C ARG A 158 -4.75 -13.75 -11.33
N ALA A 159 -5.30 -12.88 -10.47
CA ALA A 159 -6.19 -11.83 -10.95
C ALA A 159 -5.42 -10.70 -11.66
N TYR A 160 -4.11 -10.61 -11.44
CA TYR A 160 -3.31 -9.66 -12.23
C TYR A 160 -2.89 -10.32 -13.55
N LEU A 161 -2.39 -11.55 -13.47
CA LEU A 161 -1.92 -12.27 -14.65
C LEU A 161 -3.03 -12.45 -15.68
N GLU A 162 -4.25 -12.78 -15.24
CA GLU A 162 -5.39 -12.92 -16.15
C GLU A 162 -6.10 -11.61 -16.40
N GLY A 163 -5.75 -10.55 -15.70
CA GLY A 163 -6.45 -9.30 -15.86
C GLY A 163 -5.59 -8.24 -16.48
N THR A 164 -5.00 -7.42 -15.62
CA THR A 164 -4.23 -6.27 -16.08
C THR A 164 -3.11 -6.70 -17.03
N CYS A 165 -2.45 -7.81 -16.71
CA CYS A 165 -1.33 -8.28 -17.53
C CYS A 165 -1.74 -8.45 -18.99
N VAL A 166 -2.68 -9.34 -19.27
CA VAL A 166 -3.03 -9.60 -20.66
C VAL A 166 -3.69 -8.37 -21.27
N GLU A 167 -4.52 -7.66 -20.50
CA GLU A 167 -5.23 -6.53 -21.08
C GLU A 167 -4.27 -5.42 -21.47
N TRP A 168 -3.16 -5.25 -20.73
CA TRP A 168 -2.17 -4.25 -21.10
C TRP A 168 -1.19 -4.77 -22.15
N LEU A 169 -0.94 -6.09 -22.18
CA LEU A 169 -0.19 -6.69 -23.27
C LEU A 169 -0.90 -6.43 -24.60
N ARG A 170 -2.21 -6.57 -24.65
CA ARG A 170 -2.91 -6.31 -25.92
C ARG A 170 -2.83 -4.83 -26.28
N ARG A 171 -2.87 -3.93 -25.32
CA ARG A 171 -2.80 -2.49 -25.65
C ARG A 171 -1.40 -2.17 -26.18
N TYR A 172 -0.38 -2.76 -25.61
CA TYR A 172 0.97 -2.53 -26.09
C TYR A 172 1.13 -3.09 -27.49
N LEU A 173 0.56 -4.29 -27.75
CA LEU A 173 0.71 -4.92 -29.06
C LEU A 173 0.09 -4.08 -30.17
N GLU A 174 -0.98 -3.35 -29.86
CA GLU A 174 -1.61 -2.48 -30.84
C GLU A 174 -0.83 -1.17 -30.99
N ASN A 175 -0.48 -0.53 -29.88
CA ASN A 175 0.34 0.68 -29.94
C ASN A 175 1.64 0.45 -30.68
N GLY A 176 2.18 -0.76 -30.64
CA GLY A 176 3.48 -0.98 -31.23
C GLY A 176 3.41 -1.93 -32.40
N LYS A 177 2.27 -1.96 -33.11
CA LYS A 177 2.05 -2.97 -34.13
C LYS A 177 3.21 -3.05 -35.12
N GLU A 178 3.75 -1.89 -35.53
CA GLU A 178 4.85 -1.87 -36.49
C GLU A 178 6.10 -2.52 -35.90
N THR A 179 6.44 -2.18 -34.67
CA THR A 179 7.60 -2.80 -34.03
C THR A 179 7.32 -4.24 -33.61
N LEU A 180 6.19 -4.48 -32.96
CA LEU A 180 6.02 -5.71 -32.20
C LEU A 180 5.41 -6.85 -32.99
N GLN A 181 4.63 -6.56 -34.02
CA GLN A 181 4.01 -7.62 -34.81
C GLN A 181 4.80 -7.97 -36.07
N ARG A 182 6.01 -7.45 -36.22
CA ARG A 182 6.79 -7.73 -37.40
C ARG A 182 7.49 -9.09 -37.25
N THR A 183 7.76 -9.72 -38.39
CA THR A 183 8.80 -10.74 -38.51
C THR A 183 9.83 -10.21 -39.51
N ASP A 184 11.07 -10.07 -39.06
CA ASP A 184 12.19 -9.74 -39.94
C ASP A 184 12.92 -11.04 -40.29
N ALA A 185 12.77 -11.49 -41.54
CA ALA A 185 13.48 -12.67 -41.99
C ALA A 185 15.00 -12.42 -41.94
N PRO A 186 15.80 -13.43 -41.60
CA PRO A 186 17.24 -13.21 -41.50
C PRO A 186 17.85 -12.88 -42.85
N LYS A 187 18.79 -11.96 -42.85
CA LYS A 187 19.65 -11.73 -44.01
C LYS A 187 20.84 -12.69 -43.89
N THR A 188 20.87 -13.72 -44.74
CA THR A 188 21.87 -14.78 -44.63
C THR A 188 22.98 -14.61 -45.64
N HIS A 189 24.15 -15.16 -45.30
CA HIS A 189 25.28 -15.30 -46.22
C HIS A 189 26.30 -16.23 -45.58
N MET A 190 27.23 -16.74 -46.41
CA MET A 190 28.28 -17.64 -45.97
C MET A 190 29.66 -17.02 -46.25
N THR A 191 30.59 -17.23 -45.33
CA THR A 191 31.97 -16.81 -45.53
C THR A 191 32.92 -17.98 -45.34
N HIS A 192 34.12 -17.82 -45.93
CA HIS A 192 35.17 -18.84 -46.00
C HIS A 192 36.46 -18.19 -45.51
N HIS A 193 37.04 -18.79 -44.50
CA HIS A 193 38.26 -18.29 -43.86
C HIS A 193 39.26 -19.44 -43.83
N ALA A 194 40.38 -19.30 -44.53
CA ALA A 194 41.34 -20.42 -44.54
C ALA A 194 42.10 -20.39 -43.24
N VAL A 195 42.22 -21.53 -42.58
CA VAL A 195 42.99 -21.60 -41.32
C VAL A 195 44.39 -22.09 -41.69
N SER A 196 44.51 -23.30 -42.22
CA SER A 196 45.82 -23.82 -42.64
C SER A 196 45.90 -23.68 -44.14
N ASP A 197 46.74 -24.48 -44.76
CA ASP A 197 46.78 -24.48 -46.24
C ASP A 197 45.92 -25.64 -46.74
N HIS A 198 45.31 -26.39 -45.83
CA HIS A 198 44.45 -27.55 -46.18
C HIS A 198 43.07 -27.45 -45.51
N GLU A 199 42.97 -26.76 -44.38
CA GLU A 199 41.74 -26.70 -43.59
C GLU A 199 41.08 -25.33 -43.76
N ALA A 200 39.75 -25.33 -43.86
CA ALA A 200 38.99 -24.09 -44.02
C ALA A 200 37.80 -24.05 -43.06
N THR A 201 37.40 -22.83 -42.71
CA THR A 201 36.22 -22.58 -41.88
C THR A 201 35.09 -22.07 -42.76
N LEU A 202 33.96 -22.75 -42.72
CA LEU A 202 32.74 -22.26 -43.35
C LEU A 202 31.87 -21.65 -42.27
N ARG A 203 31.59 -20.36 -42.39
CA ARG A 203 30.79 -19.65 -41.40
C ARG A 203 29.48 -19.23 -42.05
N CYS A 204 28.38 -19.62 -41.43
CA CYS A 204 27.03 -19.34 -41.90
C CYS A 204 26.39 -18.27 -41.03
N TRP A 205 26.00 -17.14 -41.63
CA TRP A 205 25.52 -15.99 -40.89
C TRP A 205 24.03 -15.78 -41.04
N ALA A 206 23.39 -15.34 -39.95
CA ALA A 206 22.03 -14.85 -39.97
C ALA A 206 22.04 -13.49 -39.31
N LEU A 207 21.49 -12.47 -39.98
CA LEU A 207 21.55 -11.12 -39.45
C LEU A 207 20.20 -10.43 -39.54
N SER A 208 20.07 -9.36 -38.77
CA SER A 208 18.91 -8.46 -38.80
C SER A 208 17.56 -9.20 -38.75
N PHE A 209 17.46 -10.25 -37.95
CA PHE A 209 16.17 -10.94 -37.84
C PHE A 209 15.44 -10.60 -36.54
N TYR A 210 14.15 -10.93 -36.55
CA TYR A 210 13.23 -10.74 -35.44
C TYR A 210 12.00 -11.62 -35.67
N PRO A 211 11.51 -12.36 -34.66
CA PRO A 211 12.02 -12.49 -33.29
C PRO A 211 13.39 -13.20 -33.24
N ALA A 212 13.90 -13.43 -32.02
CA ALA A 212 15.21 -14.03 -31.86
C ALA A 212 15.24 -15.53 -32.11
N GLU A 213 14.08 -16.18 -32.21
CA GLU A 213 14.03 -17.64 -32.32
C GLU A 213 14.45 -18.08 -33.72
N ILE A 214 15.55 -18.82 -33.80
CA ILE A 214 16.14 -19.23 -35.07
C ILE A 214 16.83 -20.57 -34.88
N THR A 215 17.00 -21.31 -35.98
CA THR A 215 17.74 -22.57 -35.97
C THR A 215 18.76 -22.58 -37.09
N LEU A 216 20.02 -22.81 -36.74
CA LEU A 216 21.11 -23.00 -37.70
C LEU A 216 21.68 -24.39 -37.53
N THR A 217 21.77 -25.14 -38.63
CA THR A 217 22.38 -26.46 -38.59
C THR A 217 23.19 -26.67 -39.86
N TRP A 218 24.17 -27.55 -39.76
CA TRP A 218 25.06 -27.88 -40.85
C TRP A 218 24.81 -29.30 -41.34
N GLN A 219 24.97 -29.50 -42.64
CA GLN A 219 24.84 -30.82 -43.24
C GLN A 219 26.05 -31.09 -44.11
N ARG A 220 26.44 -32.36 -44.15
CA ARG A 220 27.47 -32.83 -45.06
C ARG A 220 26.87 -33.89 -45.97
N ASP A 221 27.01 -33.69 -47.29
CA ASP A 221 26.31 -34.51 -48.30
C ASP A 221 24.85 -34.66 -47.91
N GLY A 222 24.21 -33.54 -47.56
CA GLY A 222 22.81 -33.57 -47.15
C GLY A 222 22.54 -34.47 -45.97
N GLU A 223 23.50 -34.62 -45.05
CA GLU A 223 23.28 -35.40 -43.83
C GLU A 223 23.68 -34.55 -42.62
N ASP A 224 22.89 -34.67 -41.56
CA ASP A 224 23.09 -33.79 -40.41
C ASP A 224 24.44 -34.04 -39.77
N GLN A 225 25.15 -32.96 -39.48
CA GLN A 225 26.45 -33.07 -38.84
C GLN A 225 26.56 -32.02 -37.74
N THR A 226 26.81 -32.48 -36.52
CA THR A 226 27.23 -31.60 -35.45
C THR A 226 28.73 -31.67 -35.19
N GLN A 227 29.40 -32.73 -35.63
CA GLN A 227 30.82 -32.88 -35.38
C GLN A 227 31.59 -31.71 -35.99
N ASP A 228 32.52 -31.15 -35.20
CA ASP A 228 33.41 -30.08 -35.65
C ASP A 228 32.67 -28.78 -35.98
N THR A 229 31.57 -28.48 -35.27
CA THR A 229 30.80 -27.28 -35.50
C THR A 229 30.84 -26.36 -34.29
N GLU A 230 30.63 -25.08 -34.55
CA GLU A 230 30.59 -24.06 -33.51
C GLU A 230 29.33 -23.24 -33.70
N LEU A 231 28.53 -23.14 -32.63
CA LEU A 231 27.34 -22.32 -32.59
C LEU A 231 27.57 -21.24 -31.55
N VAL A 232 27.35 -20.00 -31.90
CA VAL A 232 27.37 -18.94 -30.90
C VAL A 232 25.94 -18.65 -30.50
N GLU A 233 25.76 -18.17 -29.27
CA GLU A 233 24.41 -17.87 -28.85
C GLU A 233 23.92 -16.65 -29.63
N THR A 234 22.64 -16.69 -30.01
CA THR A 234 21.96 -15.52 -30.55
C THR A 234 22.36 -14.28 -29.77
N ARG A 235 22.69 -13.22 -30.49
CA ARG A 235 23.12 -11.99 -29.86
C ARG A 235 22.29 -10.83 -30.39
N PRO A 236 22.09 -9.79 -29.58
CA PRO A 236 21.30 -8.63 -30.04
C PRO A 236 22.18 -7.70 -30.88
N ALA A 237 21.61 -7.20 -31.97
CA ALA A 237 22.39 -6.36 -32.87
C ALA A 237 22.59 -4.97 -32.29
N GLY A 238 21.67 -4.53 -31.43
CA GLY A 238 21.69 -3.21 -30.86
C GLY A 238 20.61 -2.32 -31.41
N ASP A 239 19.90 -2.79 -32.43
CA ASP A 239 18.83 -2.01 -33.05
C ASP A 239 17.50 -2.74 -32.94
N GLY A 240 17.40 -3.72 -32.06
CA GLY A 240 16.19 -4.50 -31.96
C GLY A 240 16.11 -5.68 -32.90
N THR A 241 17.20 -6.03 -33.59
CA THR A 241 17.22 -7.30 -34.33
C THR A 241 18.29 -8.18 -33.71
N PHE A 242 18.39 -9.42 -34.19
CA PHE A 242 19.30 -10.38 -33.60
C PHE A 242 20.23 -10.96 -34.66
N GLN A 243 21.30 -11.58 -34.18
CA GLN A 243 22.31 -12.20 -35.04
C GLN A 243 22.70 -13.54 -34.45
N LYS A 244 23.22 -14.40 -35.32
CA LYS A 244 23.68 -15.72 -34.94
C LYS A 244 24.47 -16.32 -36.09
N TRP A 245 25.47 -17.12 -35.75
CA TRP A 245 26.19 -17.84 -36.77
C TRP A 245 26.56 -19.23 -36.29
N ALA A 246 26.69 -20.12 -37.27
CA ALA A 246 27.18 -21.48 -37.11
C ALA A 246 28.37 -21.65 -38.04
N ALA A 247 29.36 -22.43 -37.59
CA ALA A 247 30.60 -22.57 -38.32
C ALA A 247 31.03 -24.03 -38.30
N VAL A 248 31.67 -24.47 -39.37
CA VAL A 248 32.17 -25.83 -39.45
C VAL A 248 33.55 -25.78 -40.09
N VAL A 249 34.51 -26.50 -39.50
CA VAL A 249 35.87 -26.57 -40.04
C VAL A 249 35.93 -27.70 -41.05
N VAL A 250 36.51 -27.41 -42.21
CA VAL A 250 36.32 -28.30 -43.35
C VAL A 250 37.67 -28.59 -43.99
N PRO A 251 37.95 -29.83 -44.41
CA PRO A 251 39.14 -30.07 -45.24
C PRO A 251 38.97 -29.38 -46.59
N SER A 252 39.99 -28.62 -47.01
CA SER A 252 39.90 -27.87 -48.26
C SER A 252 39.62 -28.84 -49.41
N GLY A 253 39.02 -28.32 -50.49
CA GLY A 253 38.53 -29.17 -51.56
C GLY A 253 37.16 -29.80 -51.31
N GLN A 254 36.78 -29.96 -50.04
CA GLN A 254 35.52 -30.61 -49.68
C GLN A 254 34.41 -29.63 -49.31
N GLU A 255 34.66 -28.33 -49.42
CA GLU A 255 33.65 -27.31 -49.01
C GLU A 255 32.29 -27.55 -49.66
N GLN A 256 32.25 -27.98 -50.90
CA GLN A 256 30.98 -28.15 -51.62
C GLN A 256 30.10 -29.28 -51.09
N ARG A 257 30.54 -30.03 -50.09
CA ARG A 257 29.69 -31.10 -49.55
C ARG A 257 28.85 -30.54 -48.40
N TYR A 258 29.13 -29.33 -47.96
CA TYR A 258 28.48 -28.88 -46.72
C TYR A 258 27.44 -27.80 -47.02
N THR A 259 26.25 -27.96 -46.44
CA THR A 259 25.15 -27.02 -46.60
C THR A 259 24.69 -26.54 -45.24
N CYS A 260 24.61 -25.22 -45.09
CA CYS A 260 24.02 -24.62 -43.89
C CYS A 260 22.52 -24.45 -44.12
N HIS A 261 21.73 -24.66 -43.07
CA HIS A 261 20.27 -24.60 -43.16
C HIS A 261 19.72 -23.64 -42.12
N VAL A 262 18.78 -22.79 -42.53
CA VAL A 262 18.32 -21.66 -41.73
C VAL A 262 16.81 -21.74 -41.58
N GLN A 263 16.31 -21.96 -40.37
CA GLN A 263 14.89 -21.91 -40.07
C GLN A 263 14.57 -20.68 -39.25
N HIS A 264 13.61 -19.90 -39.73
CA HIS A 264 13.11 -18.74 -39.01
C HIS A 264 11.69 -18.48 -39.46
N GLU A 265 10.81 -18.13 -38.51
CA GLU A 265 9.40 -17.98 -38.84
C GLU A 265 9.15 -16.86 -39.85
N GLY A 266 10.13 -15.98 -40.08
CA GLY A 266 10.01 -15.01 -41.15
C GLY A 266 10.37 -15.51 -42.55
N LEU A 267 10.64 -16.81 -42.71
CA LEU A 267 11.03 -17.34 -44.01
C LEU A 267 9.89 -18.19 -44.55
N PRO A 268 9.45 -17.97 -45.79
CA PRO A 268 8.40 -18.85 -46.34
C PRO A 268 8.83 -20.30 -46.38
N LYS A 269 10.11 -20.55 -46.63
CA LYS A 269 10.73 -21.86 -46.65
C LYS A 269 12.14 -21.77 -46.05
N PRO A 270 12.61 -22.86 -45.45
CA PRO A 270 13.99 -22.85 -44.91
C PRO A 270 15.04 -22.67 -46.00
N LEU A 271 15.98 -21.78 -45.74
CA LEU A 271 17.07 -21.51 -46.64
C LEU A 271 18.09 -22.64 -46.57
N THR A 272 18.74 -22.89 -47.70
CA THR A 272 19.93 -23.74 -47.77
C THR A 272 21.03 -22.90 -48.38
N LEU A 273 22.21 -22.94 -47.78
CA LEU A 273 23.36 -22.18 -48.26
C LEU A 273 24.52 -23.14 -48.46
N ARG A 274 25.30 -22.89 -49.51
CA ARG A 274 26.45 -23.70 -49.88
C ARG A 274 27.59 -22.76 -50.24
N TRP A 275 28.80 -23.27 -50.20
CA TRP A 275 29.93 -22.44 -50.59
C TRP A 275 29.97 -22.33 -52.11
N GLU A 276 30.05 -21.09 -52.60
CA GLU A 276 30.08 -20.79 -54.03
C GLU A 276 30.98 -19.60 -54.36
N MET B 1 26.96 -20.37 -2.52
CA MET B 1 26.97 -19.35 -3.57
C MET B 1 27.29 -19.94 -4.94
N ILE B 2 26.45 -19.65 -5.94
CA ILE B 2 26.74 -20.11 -7.29
C ILE B 2 27.45 -19.00 -8.03
N GLN B 3 28.43 -19.38 -8.85
CA GLN B 3 29.24 -18.45 -9.61
C GLN B 3 29.29 -18.96 -11.04
N ARG B 4 29.07 -18.07 -11.98
CA ARG B 4 29.05 -18.46 -13.38
C ARG B 4 29.93 -17.52 -14.17
N THR B 5 30.81 -18.08 -14.97
CA THR B 5 31.75 -17.29 -15.76
C THR B 5 31.01 -16.62 -16.92
N PRO B 6 31.35 -15.39 -17.26
CA PRO B 6 30.67 -14.73 -18.37
C PRO B 6 31.11 -15.33 -19.71
N LYS B 7 30.15 -15.41 -20.63
CA LYS B 7 30.46 -15.54 -22.04
C LYS B 7 30.59 -14.15 -22.64
N ILE B 8 31.46 -14.04 -23.65
CA ILE B 8 31.77 -12.77 -24.28
C ILE B 8 31.74 -12.93 -25.79
N GLN B 9 30.99 -12.07 -26.47
CA GLN B 9 31.03 -11.96 -27.93
C GLN B 9 31.26 -10.51 -28.29
N VAL B 10 32.30 -10.24 -29.07
CA VAL B 10 32.50 -8.92 -29.66
C VAL B 10 32.15 -9.00 -31.14
N TYR B 11 31.54 -7.93 -31.66
CA TYR B 11 30.98 -7.95 -33.00
C TYR B 11 30.44 -6.56 -33.32
N SER B 12 30.04 -6.37 -34.57
CA SER B 12 29.51 -5.12 -35.07
C SER B 12 28.01 -5.23 -35.29
N ARG B 13 27.31 -4.08 -35.25
CA ARG B 13 25.87 -4.08 -35.48
C ARG B 13 25.54 -4.41 -36.93
N HIS B 14 26.20 -3.74 -37.86
CA HIS B 14 26.12 -4.04 -39.28
C HIS B 14 27.44 -4.61 -39.76
N PRO B 15 27.46 -5.32 -40.89
CA PRO B 15 28.75 -5.83 -41.39
C PRO B 15 29.72 -4.69 -41.66
N ALA B 16 30.99 -4.93 -41.34
CA ALA B 16 31.98 -3.86 -41.30
C ALA B 16 32.44 -3.47 -42.70
N GLU B 17 32.32 -2.18 -43.01
CA GLU B 17 32.94 -1.56 -44.18
C GLU B 17 33.98 -0.55 -43.70
N ASN B 18 35.24 -0.75 -44.07
CA ASN B 18 36.30 0.16 -43.64
C ASN B 18 35.95 1.60 -44.01
N GLY B 19 36.03 2.48 -43.02
CA GLY B 19 35.66 3.87 -43.20
C GLY B 19 34.18 4.19 -43.08
N LYS B 20 33.30 3.19 -43.19
CA LYS B 20 31.88 3.41 -42.96
C LYS B 20 31.57 3.29 -41.46
N SER B 21 30.54 4.01 -41.01
CA SER B 21 30.26 4.13 -39.58
C SER B 21 29.33 3.01 -39.12
N ASN B 22 29.57 2.50 -37.92
CA ASN B 22 28.99 1.24 -37.45
C ASN B 22 28.71 1.38 -35.95
N PHE B 23 28.48 0.24 -35.28
CA PHE B 23 28.42 0.16 -33.83
C PHE B 23 29.19 -1.05 -33.36
N LEU B 24 30.05 -0.86 -32.37
CA LEU B 24 30.82 -1.96 -31.79
C LEU B 24 30.06 -2.52 -30.59
N ASN B 25 29.82 -3.84 -30.61
CA ASN B 25 29.05 -4.51 -29.56
C ASN B 25 29.96 -5.47 -28.79
N CYS B 26 29.86 -5.43 -27.46
CA CYS B 26 30.37 -6.47 -26.60
C CYS B 26 29.20 -6.96 -25.77
N TYR B 27 28.87 -8.24 -25.93
CA TYR B 27 27.70 -8.86 -25.30
C TYR B 27 28.20 -9.89 -24.28
N VAL B 28 28.00 -9.61 -22.98
CA VAL B 28 28.36 -10.56 -21.93
C VAL B 28 27.10 -11.22 -21.41
N SER B 29 27.17 -12.53 -21.16
CA SER B 29 25.98 -13.29 -20.81
C SER B 29 26.38 -14.47 -19.93
N GLY B 30 25.37 -15.17 -19.41
CA GLY B 30 25.54 -16.36 -18.59
C GLY B 30 26.36 -16.21 -17.32
N PHE B 31 26.42 -15.02 -16.71
CA PHE B 31 27.28 -14.84 -15.56
C PHE B 31 26.49 -14.61 -14.27
N HIS B 32 27.16 -14.86 -13.16
CA HIS B 32 26.58 -14.70 -11.84
C HIS B 32 27.71 -14.67 -10.82
N PRO B 33 27.75 -13.71 -9.89
CA PRO B 33 26.75 -12.65 -9.67
C PRO B 33 26.86 -11.54 -10.72
N SER B 34 26.10 -10.46 -10.51
CA SER B 34 25.87 -9.47 -11.55
C SER B 34 26.95 -8.40 -11.64
N ASP B 35 27.79 -8.25 -10.61
CA ASP B 35 28.92 -7.31 -10.66
C ASP B 35 29.85 -7.64 -11.81
N ILE B 36 29.86 -6.81 -12.83
CA ILE B 36 30.69 -7.05 -14.01
C ILE B 36 31.24 -5.72 -14.50
N GLU B 37 32.51 -5.73 -14.91
CA GLU B 37 33.17 -4.55 -15.45
C GLU B 37 33.51 -4.82 -16.91
N VAL B 38 33.09 -3.91 -17.78
CA VAL B 38 33.19 -4.11 -19.23
C VAL B 38 33.66 -2.82 -19.85
N ASP B 39 34.79 -2.84 -20.55
CA ASP B 39 35.25 -1.72 -21.34
C ASP B 39 35.45 -2.14 -22.79
N LEU B 40 35.17 -1.20 -23.69
CA LEU B 40 35.48 -1.34 -25.11
C LEU B 40 36.80 -0.61 -25.36
N LEU B 41 37.78 -1.34 -25.90
CA LEU B 41 39.08 -0.74 -26.20
C LEU B 41 39.19 -0.46 -27.69
N LYS B 42 39.87 0.63 -28.02
CA LYS B 42 40.34 0.91 -29.38
C LYS B 42 41.84 1.13 -29.29
N ASN B 43 42.61 0.17 -29.82
CA ASN B 43 44.07 0.20 -29.80
C ASN B 43 44.63 0.18 -28.38
N GLY B 44 43.95 -0.50 -27.46
CA GLY B 44 44.38 -0.59 -26.08
C GLY B 44 43.94 0.55 -25.17
N GLU B 45 43.00 1.38 -25.61
CA GLU B 45 42.53 2.52 -24.83
C GLU B 45 41.05 2.34 -24.52
N ARG B 46 40.68 2.55 -23.26
CA ARG B 46 39.27 2.58 -22.90
C ARG B 46 38.56 3.64 -23.73
N ILE B 47 37.73 3.23 -24.69
CA ILE B 47 36.81 4.17 -25.30
C ILE B 47 35.94 4.78 -24.20
N GLU B 48 35.62 6.07 -24.34
CA GLU B 48 35.06 6.83 -23.22
C GLU B 48 33.55 6.71 -23.12
N LYS B 49 32.83 7.13 -24.16
CA LYS B 49 31.37 7.18 -24.15
C LYS B 49 30.81 5.83 -24.61
N VAL B 50 30.75 4.89 -23.67
CA VAL B 50 30.32 3.52 -23.93
C VAL B 50 29.02 3.28 -23.16
N GLU B 51 27.91 3.17 -23.89
CA GLU B 51 26.63 2.90 -23.25
C GLU B 51 26.45 1.41 -22.95
N HIS B 52 25.31 1.06 -22.36
CA HIS B 52 25.01 -0.32 -21.98
C HIS B 52 23.52 -0.48 -21.73
N SER B 53 23.03 -1.69 -21.98
CA SER B 53 21.65 -2.06 -21.77
C SER B 53 21.36 -2.24 -20.28
N ASP B 54 20.08 -2.45 -19.97
CA ASP B 54 19.64 -2.64 -18.59
C ASP B 54 19.64 -4.13 -18.24
N LEU B 55 20.36 -4.44 -17.17
CA LEU B 55 20.54 -5.79 -16.65
C LEU B 55 19.26 -6.64 -16.74
N SER B 56 19.37 -7.81 -17.36
CA SER B 56 18.28 -8.77 -17.34
C SER B 56 18.90 -10.16 -17.14
N PHE B 57 18.11 -11.22 -17.30
CA PHE B 57 18.63 -12.56 -17.02
C PHE B 57 17.77 -13.58 -17.73
N SER B 58 18.30 -14.82 -17.81
CA SER B 58 17.77 -15.93 -18.60
C SER B 58 17.13 -17.01 -17.72
N LYS B 59 16.77 -18.13 -18.36
CA LYS B 59 16.00 -19.21 -17.72
C LYS B 59 16.75 -19.84 -16.54
N ASP B 60 18.09 -19.70 -16.51
CA ASP B 60 18.90 -20.24 -15.44
C ASP B 60 19.28 -19.18 -14.42
N TRP B 61 18.65 -18.00 -14.49
CA TRP B 61 18.88 -16.84 -13.63
C TRP B 61 20.19 -16.12 -13.91
N SER B 62 20.97 -16.52 -14.94
CA SER B 62 22.24 -15.84 -15.17
C SER B 62 22.00 -14.55 -15.95
N PHE B 63 22.91 -13.59 -15.77
CA PHE B 63 22.75 -12.23 -16.27
C PHE B 63 23.33 -12.04 -17.68
N TYR B 64 22.83 -11.00 -18.37
CA TYR B 64 23.40 -10.60 -19.66
C TYR B 64 23.23 -9.09 -19.87
N LEU B 65 24.16 -8.53 -20.64
CA LEU B 65 24.32 -7.09 -20.83
C LEU B 65 24.93 -6.83 -22.19
N LEU B 66 24.45 -5.78 -22.87
CA LEU B 66 25.08 -5.31 -24.10
C LEU B 66 25.77 -4.00 -23.81
N TYR B 67 27.08 -3.96 -24.00
CA TYR B 67 27.81 -2.71 -24.08
C TYR B 67 28.08 -2.41 -25.55
N TYR B 68 27.86 -1.14 -25.93
CA TYR B 68 28.03 -0.73 -27.32
C TYR B 68 28.54 0.70 -27.37
N THR B 69 28.97 1.10 -28.56
CA THR B 69 29.49 2.44 -28.83
C THR B 69 29.66 2.61 -30.34
N GLU B 70 29.58 3.86 -30.79
CA GLU B 70 29.81 4.17 -32.19
C GLU B 70 31.27 3.94 -32.56
N PHE B 71 31.49 3.34 -33.72
CA PHE B 71 32.86 3.19 -34.18
C PHE B 71 32.88 3.15 -35.70
N THR B 72 34.00 3.58 -36.26
CA THR B 72 34.27 3.51 -37.70
C THR B 72 35.43 2.56 -37.91
N PRO B 73 35.22 1.20 -38.30
CA PRO B 73 36.15 -0.16 -38.64
C PRO B 73 37.17 0.33 -39.68
N THR B 74 38.44 0.14 -39.40
CA THR B 74 39.45 0.34 -40.46
C THR B 74 40.21 -0.97 -40.63
N GLU B 75 41.14 -1.02 -41.57
CA GLU B 75 41.86 -2.29 -41.79
C GLU B 75 42.85 -2.56 -40.66
N LYS B 76 43.32 -1.53 -39.98
CA LYS B 76 44.37 -1.78 -38.96
C LYS B 76 43.94 -1.35 -37.57
N ASP B 77 42.90 -0.54 -37.45
CA ASP B 77 42.40 -0.15 -36.11
C ASP B 77 41.99 -1.43 -35.37
N GLU B 78 42.50 -1.63 -34.16
CA GLU B 78 42.25 -2.87 -33.39
C GLU B 78 41.23 -2.65 -32.27
N TYR B 79 40.06 -3.26 -32.36
CA TYR B 79 39.04 -3.14 -31.31
C TYR B 79 38.92 -4.43 -30.49
N ALA B 80 38.62 -4.25 -29.20
CA ALA B 80 38.53 -5.38 -28.29
C ALA B 80 37.55 -5.05 -27.16
N CYS B 81 37.20 -6.07 -26.39
CA CYS B 81 36.38 -5.90 -25.21
C CYS B 81 37.10 -6.49 -24.00
N ARG B 82 37.19 -5.72 -22.93
CA ARG B 82 37.78 -6.21 -21.69
C ARG B 82 36.66 -6.42 -20.67
N VAL B 83 36.68 -7.59 -20.03
CA VAL B 83 35.66 -8.00 -19.08
C VAL B 83 36.33 -8.39 -17.78
N ASN B 84 35.85 -7.86 -16.66
CA ASN B 84 36.30 -8.30 -15.35
C ASN B 84 35.11 -8.78 -14.54
N HIS B 85 35.33 -9.88 -13.83
CA HIS B 85 34.29 -10.59 -13.10
C HIS B 85 34.95 -11.45 -12.02
N VAL B 86 34.20 -11.76 -10.97
CA VAL B 86 34.76 -12.51 -9.85
C VAL B 86 35.22 -13.91 -10.26
N THR B 87 34.64 -14.47 -11.33
CA THR B 87 35.04 -15.79 -11.79
C THR B 87 36.34 -15.79 -12.60
N LEU B 88 36.96 -14.63 -12.80
CA LEU B 88 38.12 -14.52 -13.66
C LEU B 88 39.37 -14.22 -12.84
N SER B 89 40.42 -15.01 -13.07
CA SER B 89 41.74 -14.72 -12.48
C SER B 89 42.20 -13.30 -12.80
N GLN B 90 41.89 -12.81 -13.99
CA GLN B 90 42.26 -11.46 -14.42
C GLN B 90 41.43 -11.11 -15.66
N PRO B 91 41.29 -9.83 -15.97
CA PRO B 91 40.38 -9.41 -17.04
C PRO B 91 40.65 -10.14 -18.35
N LYS B 92 39.58 -10.71 -18.93
CA LYS B 92 39.65 -11.31 -20.26
C LYS B 92 39.54 -10.21 -21.30
N ILE B 93 40.37 -10.30 -22.33
CA ILE B 93 40.24 -9.43 -23.50
C ILE B 93 39.89 -10.30 -24.69
N VAL B 94 38.83 -9.91 -25.40
CA VAL B 94 38.40 -10.56 -26.62
C VAL B 94 38.58 -9.57 -27.75
N LYS B 95 39.40 -9.91 -28.73
CA LYS B 95 39.62 -9.05 -29.88
C LYS B 95 38.39 -9.06 -30.78
N TRP B 96 38.08 -7.91 -31.36
CA TRP B 96 37.06 -7.88 -32.40
C TRP B 96 37.61 -8.53 -33.66
N ASP B 97 36.84 -9.43 -34.24
CA ASP B 97 37.18 -10.07 -35.50
C ASP B 97 35.98 -9.86 -36.41
N ARG B 98 36.14 -9.03 -37.44
CA ARG B 98 35.00 -8.68 -38.27
C ARG B 98 34.35 -9.91 -38.92
N ASP B 99 35.06 -11.03 -39.00
CA ASP B 99 34.53 -12.30 -39.50
C ASP B 99 33.78 -13.11 -38.44
N MET B 100 33.75 -12.66 -37.17
CA MET B 100 32.96 -13.32 -36.13
C MET B 100 31.96 -12.34 -35.49
N ARG C 1 2.21 -2.51 -17.80
CA ARG C 1 1.66 -2.14 -16.48
C ARG C 1 2.14 -3.13 -15.43
N LEU C 2 2.89 -2.66 -14.45
CA LEU C 2 3.39 -3.46 -13.31
C LEU C 2 2.24 -3.82 -12.40
N GLN C 3 2.34 -4.92 -11.68
CA GLN C 3 1.28 -5.30 -10.74
C GLN C 3 1.30 -4.36 -9.54
N SER C 4 0.14 -4.03 -9.02
CA SER C 4 0.04 -3.16 -7.85
C SER C 4 0.40 -3.89 -6.56
N LEU C 5 -0.01 -5.15 -6.44
CA LEU C 5 0.13 -5.90 -5.21
C LEU C 5 1.59 -6.06 -4.81
N GLN C 6 1.89 -5.82 -3.55
CA GLN C 6 3.24 -6.05 -3.05
C GLN C 6 3.22 -7.19 -2.04
N ILE C 7 4.14 -8.15 -2.23
CA ILE C 7 4.26 -9.31 -1.36
C ILE C 7 5.68 -9.36 -0.81
N TYR C 8 5.84 -10.12 0.26
CA TYR C 8 7.07 -10.10 1.03
C TYR C 8 7.47 -11.53 1.32
N VAL C 9 8.76 -11.78 1.25
CA VAL C 9 9.21 -13.15 1.32
C VAL C 9 9.18 -13.58 2.79
N ALA D 2 -5.21 7.88 -9.68
CA ALA D 2 -5.18 6.49 -10.11
C ALA D 2 -5.83 5.60 -9.06
N GLN D 3 -6.03 6.14 -7.86
CA GLN D 3 -6.71 5.37 -6.81
C GLN D 3 -7.60 6.32 -6.00
N THR D 4 -8.90 6.32 -6.32
CA THR D 4 -9.84 7.18 -5.62
C THR D 4 -11.05 6.38 -5.20
N VAL D 5 -11.66 6.83 -4.10
CA VAL D 5 -12.87 6.25 -3.54
C VAL D 5 -13.87 7.38 -3.38
N THR D 6 -15.11 7.17 -3.85
CA THR D 6 -16.11 8.24 -3.84
C THR D 6 -17.29 7.83 -2.97
N GLN D 7 -17.55 8.63 -1.93
CA GLN D 7 -18.75 8.49 -1.12
C GLN D 7 -19.52 9.79 -1.26
N SER D 8 -20.52 9.79 -2.13
CA SER D 8 -21.26 11.01 -2.52
C SER D 8 -22.15 11.59 -1.43
N GLN D 9 -22.79 10.76 -0.63
CA GLN D 9 -23.67 11.34 0.41
C GLN D 9 -22.97 11.32 1.75
N PRO D 10 -22.60 12.48 2.31
CA PRO D 10 -21.92 12.55 3.57
C PRO D 10 -22.82 12.27 4.79
N GLU D 11 -24.13 12.36 4.63
CA GLU D 11 -25.05 12.15 5.75
C GLU D 11 -26.22 11.26 5.34
N MET D 12 -26.41 10.17 6.03
CA MET D 12 -27.55 9.29 5.78
C MET D 12 -28.29 9.03 7.07
N SER D 13 -29.61 8.83 6.94
CA SER D 13 -30.46 8.46 8.05
C SER D 13 -31.19 7.17 7.75
N VAL D 14 -31.31 6.31 8.76
CA VAL D 14 -32.16 5.14 8.67
C VAL D 14 -33.01 5.08 9.93
N GLN D 15 -34.23 4.57 9.78
CA GLN D 15 -35.11 4.30 10.91
C GLN D 15 -34.75 2.96 11.52
N GLU D 16 -34.69 2.91 12.86
CA GLU D 16 -34.34 1.70 13.58
C GLU D 16 -35.11 0.50 13.05
N ALA D 17 -34.39 -0.58 12.75
CA ALA D 17 -34.83 -1.89 12.26
C ALA D 17 -35.08 -1.89 10.75
N GLU D 18 -35.15 -0.74 10.09
CA GLU D 18 -35.20 -0.67 8.63
C GLU D 18 -33.78 -0.77 8.05
N THR D 19 -33.71 -1.03 6.74
CA THR D 19 -32.43 -1.23 6.08
C THR D 19 -31.99 0.03 5.33
N VAL D 20 -30.67 0.15 5.13
CA VAL D 20 -30.10 1.31 4.46
C VAL D 20 -28.90 0.87 3.63
N THR D 21 -28.74 1.53 2.49
CA THR D 21 -27.65 1.25 1.56
C THR D 21 -26.71 2.45 1.52
N LEU D 22 -25.42 2.19 1.72
CA LEU D 22 -24.39 3.22 1.69
C LEU D 22 -23.61 3.08 0.38
N SER D 23 -23.59 4.15 -0.40
CA SER D 23 -23.06 4.09 -1.76
C SER D 23 -21.56 4.30 -1.77
N CYS D 24 -20.89 3.66 -2.75
CA CYS D 24 -19.46 3.81 -2.94
C CYS D 24 -19.12 3.47 -4.39
N THR D 25 -18.40 4.39 -5.04
CA THR D 25 -17.77 4.12 -6.32
C THR D 25 -16.27 4.37 -6.17
N TYR D 26 -15.51 3.78 -7.08
CA TYR D 26 -14.06 3.89 -6.96
C TYR D 26 -13.42 3.83 -8.34
N ASP D 27 -12.26 4.45 -8.45
CA ASP D 27 -11.44 4.30 -9.64
C ASP D 27 -10.18 3.51 -9.28
N THR D 28 -9.91 2.47 -10.03
CA THR D 28 -8.68 1.74 -9.84
C THR D 28 -8.10 1.43 -11.21
N SER D 29 -6.76 1.38 -11.24
CA SER D 29 -5.95 1.26 -12.45
C SER D 29 -5.60 -0.17 -12.79
N GLU D 30 -5.95 -1.14 -11.95
CA GLU D 30 -5.50 -2.52 -12.11
C GLU D 30 -6.65 -3.48 -11.78
N SER D 31 -6.31 -4.77 -11.67
CA SER D 31 -7.26 -5.84 -11.40
C SER D 31 -6.92 -6.64 -10.16
N ASP D 32 -5.79 -6.36 -9.50
CA ASP D 32 -5.43 -6.97 -8.24
C ASP D 32 -5.69 -5.93 -7.13
N TYR D 33 -6.95 -5.83 -6.71
CA TYR D 33 -7.27 -4.94 -5.60
C TYR D 33 -8.22 -5.63 -4.65
N TYR D 34 -8.24 -5.12 -3.42
CA TYR D 34 -9.24 -5.48 -2.41
C TYR D 34 -10.09 -4.26 -2.10
N LEU D 35 -11.35 -4.51 -1.76
CA LEU D 35 -12.26 -3.47 -1.31
C LEU D 35 -12.68 -3.75 0.13
N PHE D 36 -12.98 -2.68 0.88
CA PHE D 36 -13.27 -2.72 2.31
C PHE D 36 -14.34 -1.73 2.67
N TRP D 37 -15.11 -2.06 3.71
CA TRP D 37 -15.92 -1.09 4.45
C TRP D 37 -15.43 -1.05 5.90
N TYR D 38 -15.14 0.14 6.40
CA TYR D 38 -14.74 0.35 7.79
C TYR D 38 -15.79 1.20 8.50
N LYS D 39 -16.00 0.90 9.78
CA LYS D 39 -16.91 1.63 10.64
C LYS D 39 -16.06 2.37 11.68
N GLN D 40 -16.49 3.57 12.06
CA GLN D 40 -15.84 4.33 13.12
C GLN D 40 -16.92 4.89 14.05
N PRO D 41 -17.18 4.26 15.19
CA PRO D 41 -18.11 4.84 16.15
C PRO D 41 -17.52 6.10 16.76
N PRO D 42 -18.33 6.91 17.41
CA PRO D 42 -17.78 8.11 18.06
C PRO D 42 -16.54 7.86 18.93
N SER D 43 -16.36 6.62 19.40
CA SER D 43 -15.15 6.22 20.11
C SER D 43 -13.88 6.38 19.27
N ARG D 44 -14.02 6.56 17.96
CA ARG D 44 -12.97 6.75 16.97
C ARG D 44 -12.26 5.44 16.59
N GLN D 45 -12.51 4.32 17.26
CA GLN D 45 -11.89 3.06 16.88
C GLN D 45 -12.38 2.60 15.51
N MET D 46 -11.45 2.27 14.62
CA MET D 46 -11.81 1.76 13.30
C MET D 46 -11.99 0.25 13.39
N ILE D 47 -13.12 -0.24 12.91
CA ILE D 47 -13.44 -1.66 12.91
C ILE D 47 -13.78 -2.06 11.48
N LEU D 48 -13.22 -3.19 11.03
CA LEU D 48 -13.52 -3.73 9.71
C LEU D 48 -14.92 -4.33 9.70
N VAL D 49 -15.79 -3.78 8.86
CA VAL D 49 -17.14 -4.32 8.68
C VAL D 49 -17.10 -5.52 7.75
N ILE D 50 -16.52 -5.34 6.56
CA ILE D 50 -16.68 -6.33 5.50
C ILE D 50 -15.56 -6.13 4.49
N ARG D 51 -15.14 -7.23 3.87
CA ARG D 51 -14.02 -7.29 2.95
C ARG D 51 -14.45 -7.96 1.67
N GLN D 52 -14.13 -7.37 0.54
CA GLN D 52 -14.36 -7.99 -0.76
C GLN D 52 -13.04 -8.12 -1.51
N GLU D 53 -12.70 -9.35 -1.90
CA GLU D 53 -11.56 -9.53 -2.79
C GLU D 53 -12.05 -9.41 -4.22
N ALA D 54 -11.42 -8.53 -5.01
CA ALA D 54 -11.92 -8.27 -6.36
C ALA D 54 -11.88 -9.50 -7.25
N TYR D 55 -11.05 -10.49 -6.93
CA TYR D 55 -11.04 -11.73 -7.70
C TYR D 55 -12.20 -12.65 -7.34
N LYS D 56 -12.74 -12.54 -6.14
CA LYS D 56 -13.92 -13.32 -5.77
C LYS D 56 -15.15 -12.74 -6.46
N GLN D 57 -16.03 -13.61 -6.94
CA GLN D 57 -17.19 -13.17 -7.67
C GLN D 57 -18.41 -12.98 -6.77
N GLN D 58 -18.59 -13.92 -5.83
CA GLN D 58 -19.68 -13.82 -4.87
C GLN D 58 -19.55 -12.55 -4.02
N ASN D 59 -20.67 -11.84 -3.90
CA ASN D 59 -20.81 -10.75 -2.93
C ASN D 59 -20.50 -11.23 -1.52
N ALA D 60 -19.71 -10.44 -0.79
CA ALA D 60 -19.41 -10.75 0.61
C ALA D 60 -20.56 -10.36 1.53
N THR D 61 -20.84 -11.23 2.47
CA THR D 61 -21.93 -10.99 3.43
C THR D 61 -21.40 -11.24 4.84
N GLU D 62 -21.76 -10.39 5.77
CA GLU D 62 -21.39 -10.61 7.17
C GLU D 62 -22.67 -10.37 7.94
N ASN D 63 -23.33 -11.41 8.41
CA ASN D 63 -24.60 -11.29 9.16
C ASN D 63 -25.54 -10.32 8.45
N ARG D 64 -25.92 -9.23 9.10
CA ARG D 64 -26.82 -8.25 8.49
C ARG D 64 -26.06 -7.26 7.61
N PHE D 65 -24.80 -7.53 7.30
CA PHE D 65 -24.06 -6.61 6.42
C PHE D 65 -23.77 -7.29 5.10
N SER D 66 -24.24 -6.71 4.01
CA SER D 66 -23.93 -7.31 2.71
C SER D 66 -23.49 -6.22 1.75
N VAL D 67 -22.73 -6.56 0.72
CA VAL D 67 -22.33 -5.52 -0.25
C VAL D 67 -22.90 -5.88 -1.60
N ASN D 68 -23.14 -4.88 -2.43
CA ASN D 68 -23.55 -5.08 -3.83
C ASN D 68 -22.28 -4.75 -4.63
N PHE D 69 -21.41 -5.74 -4.82
CA PHE D 69 -20.14 -5.58 -5.55
C PHE D 69 -20.44 -5.71 -7.05
N GLN D 70 -20.45 -4.59 -7.75
CA GLN D 70 -20.60 -4.57 -9.21
C GLN D 70 -19.26 -4.11 -9.79
N LYS D 71 -18.42 -5.09 -10.16
CA LYS D 71 -17.07 -4.82 -10.64
C LYS D 71 -17.08 -3.90 -11.87
N ALA D 72 -17.85 -4.29 -12.91
CA ALA D 72 -17.85 -3.52 -14.15
C ALA D 72 -18.26 -2.06 -13.91
N ALA D 73 -19.21 -1.82 -13.01
CA ALA D 73 -19.59 -0.45 -12.66
C ALA D 73 -18.61 0.19 -11.67
N LYS D 74 -17.64 -0.58 -11.15
CA LYS D 74 -16.76 -0.11 -10.09
C LYS D 74 -17.57 0.48 -8.93
N SER D 75 -18.64 -0.24 -8.56
CA SER D 75 -19.52 0.12 -7.45
C SER D 75 -19.50 -0.96 -6.38
N PHE D 76 -19.61 -0.52 -5.12
CA PHE D 76 -19.38 -1.38 -3.95
C PHE D 76 -20.20 -0.84 -2.77
N SER D 77 -21.53 -0.88 -2.91
CA SER D 77 -22.37 -0.32 -1.87
C SER D 77 -22.52 -1.30 -0.71
N LEU D 78 -22.81 -0.75 0.48
CA LEU D 78 -22.95 -1.52 1.72
C LEU D 78 -24.42 -1.49 2.18
N LYS D 79 -25.00 -2.67 2.35
CA LYS D 79 -26.40 -2.80 2.79
C LYS D 79 -26.41 -3.19 4.27
N ILE D 80 -27.00 -2.34 5.10
CA ILE D 80 -27.23 -2.63 6.51
C ILE D 80 -28.73 -2.88 6.67
N SER D 81 -29.09 -4.12 6.95
CA SER D 81 -30.46 -4.49 7.24
C SER D 81 -30.71 -4.58 8.74
N ASP D 82 -31.98 -4.43 9.12
CA ASP D 82 -32.39 -4.43 10.53
C ASP D 82 -31.47 -3.53 11.35
N SER D 83 -31.46 -2.25 11.00
CA SER D 83 -30.44 -1.37 11.55
C SER D 83 -30.70 -1.12 13.02
N GLN D 84 -29.61 -0.82 13.74
CA GLN D 84 -29.62 -0.73 15.19
C GLN D 84 -28.95 0.57 15.61
N LEU D 85 -29.30 1.04 16.82
CA LEU D 85 -28.72 2.28 17.34
C LEU D 85 -27.20 2.20 17.32
N GLY D 86 -26.65 1.03 17.61
CA GLY D 86 -25.21 0.83 17.55
C GLY D 86 -24.62 0.98 16.16
N ASP D 87 -25.45 1.00 15.12
CA ASP D 87 -24.89 1.16 13.80
C ASP D 87 -24.55 2.61 13.51
N ALA D 88 -25.00 3.54 14.33
CA ALA D 88 -24.69 4.95 14.13
C ALA D 88 -23.18 5.14 14.20
N ALA D 89 -22.59 5.55 13.08
CA ALA D 89 -21.14 5.75 13.04
C ALA D 89 -20.79 6.39 11.71
N MET D 90 -19.50 6.63 11.53
CA MET D 90 -18.96 6.97 10.21
C MET D 90 -18.59 5.67 9.54
N TYR D 91 -19.06 5.50 8.30
CA TYR D 91 -18.68 4.39 7.46
C TYR D 91 -17.77 4.89 6.34
N PHE D 92 -16.68 4.16 6.11
CA PHE D 92 -15.64 4.55 5.16
C PHE D 92 -15.47 3.43 4.14
N CYS D 93 -15.70 3.76 2.88
CA CYS D 93 -15.32 2.85 1.80
C CYS D 93 -13.80 2.94 1.58
N ALA D 94 -13.20 1.80 1.23
CA ALA D 94 -11.74 1.80 1.10
C ALA D 94 -11.32 0.77 0.07
N SER D 95 -10.08 0.92 -0.41
CA SER D 95 -9.51 0.05 -1.45
C SER D 95 -8.01 -0.10 -1.23
N SER D 96 -7.49 -1.27 -1.64
CA SER D 96 -6.05 -1.54 -1.70
C SER D 96 -5.60 -1.54 -3.15
N GLY D 97 -4.63 -0.68 -3.48
CA GLY D 97 -4.02 -0.68 -4.80
C GLY D 97 -2.55 -0.31 -4.72
N ASN D 98 -2.12 0.71 -5.48
CA ASN D 98 -0.76 1.22 -5.35
C ASN D 98 -0.45 1.61 -3.91
N THR D 99 -1.44 2.12 -3.21
CA THR D 99 -1.35 2.36 -1.78
C THR D 99 -2.12 1.27 -1.04
N PRO D 100 -1.64 0.77 0.10
CA PRO D 100 -2.30 -0.40 0.72
C PRO D 100 -3.69 -0.10 1.28
N LEU D 101 -3.94 1.10 1.80
CA LEU D 101 -5.31 1.49 2.13
C LEU D 101 -5.55 2.94 1.72
N VAL D 102 -6.64 3.16 0.98
CA VAL D 102 -7.10 4.49 0.60
C VAL D 102 -8.58 4.58 0.94
N PHE D 103 -8.94 5.59 1.72
CA PHE D 103 -10.30 5.74 2.23
C PHE D 103 -11.09 6.81 1.47
N GLY D 104 -12.37 6.55 1.23
CA GLY D 104 -13.28 7.60 0.83
C GLY D 104 -13.52 8.63 1.91
N LYS D 105 -14.31 9.64 1.56
CA LYS D 105 -14.55 10.73 2.49
C LYS D 105 -15.47 10.33 3.64
N GLY D 106 -16.21 9.22 3.53
CA GLY D 106 -16.99 8.74 4.66
C GLY D 106 -18.41 9.29 4.72
N THR D 107 -19.33 8.45 5.20
CA THR D 107 -20.74 8.79 5.36
C THR D 107 -21.13 8.64 6.82
N ARG D 108 -21.68 9.70 7.42
CA ARG D 108 -22.19 9.61 8.78
C ARG D 108 -23.64 9.10 8.74
N LEU D 109 -23.84 7.85 9.19
CA LEU D 109 -25.17 7.28 9.34
C LEU D 109 -25.73 7.56 10.73
N SER D 110 -26.93 8.11 10.76
CA SER D 110 -27.68 8.29 12.00
C SER D 110 -28.84 7.30 12.03
N VAL D 111 -29.12 6.76 13.21
CA VAL D 111 -30.17 5.78 13.40
C VAL D 111 -31.22 6.43 14.29
N ILE D 112 -32.35 6.78 13.70
CA ILE D 112 -33.45 7.39 14.44
C ILE D 112 -34.13 6.30 15.28
N PRO D 113 -34.05 6.37 16.61
CA PRO D 113 -34.60 5.28 17.43
C PRO D 113 -36.11 5.27 17.35
N ASN D 114 -36.68 4.06 17.27
CA ASN D 114 -38.12 3.88 17.25
C ASN D 114 -38.64 3.96 18.68
N ILE D 115 -39.15 5.12 19.07
CA ILE D 115 -39.64 5.33 20.43
C ILE D 115 -41.01 4.66 20.51
N GLN D 116 -41.04 3.50 21.17
CA GLN D 116 -42.26 2.70 21.10
CA GLN D 116 -42.24 2.66 21.17
C GLN D 116 -43.42 3.35 21.84
N ASN D 117 -43.16 4.14 22.90
CA ASN D 117 -44.23 4.77 23.68
C ASN D 117 -43.84 6.19 24.08
N PRO D 118 -44.07 7.15 23.21
CA PRO D 118 -43.79 8.54 23.57
C PRO D 118 -44.54 8.91 24.84
N ASP D 119 -43.86 9.67 25.69
CA ASP D 119 -44.18 9.97 27.07
C ASP D 119 -43.49 11.28 27.40
N PRO D 120 -43.64 12.32 26.58
CA PRO D 120 -42.83 13.54 26.76
C PRO D 120 -43.03 14.14 28.14
N ALA D 121 -41.92 14.50 28.79
CA ALA D 121 -42.00 15.14 30.09
C ALA D 121 -40.78 16.01 30.31
N VAL D 122 -40.89 16.96 31.23
CA VAL D 122 -39.77 17.77 31.67
C VAL D 122 -39.67 17.67 33.18
N TYR D 123 -38.49 17.31 33.67
CA TYR D 123 -38.27 17.12 35.10
C TYR D 123 -37.13 18.02 35.56
N GLN D 124 -37.14 18.34 36.85
CA GLN D 124 -36.10 19.15 37.45
C GLN D 124 -35.30 18.30 38.42
N LEU D 125 -33.98 18.48 38.39
CA LEU D 125 -33.04 17.68 39.17
C LEU D 125 -32.14 18.60 39.98
N ARG D 126 -31.94 18.30 41.26
CA ARG D 126 -31.11 19.15 42.14
C ARG D 126 -29.70 18.58 42.24
N ASP D 127 -28.71 19.41 42.61
CA ASP D 127 -27.30 18.94 42.69
C ASP D 127 -27.09 18.05 43.93
N SER D 128 -26.18 17.09 43.86
CA SER D 128 -25.91 16.16 44.97
C SER D 128 -25.01 16.75 46.06
N LYS D 129 -24.16 17.72 45.75
CA LYS D 129 -23.27 18.28 46.80
C LYS D 129 -23.95 19.54 47.31
N SER D 130 -23.90 20.60 46.50
CA SER D 130 -24.69 21.79 46.84
C SER D 130 -26.09 21.56 46.29
N SER D 131 -27.09 22.27 46.72
CA SER D 131 -28.42 22.08 46.14
C SER D 131 -29.03 23.45 45.78
N ASP D 132 -28.16 24.41 45.49
CA ASP D 132 -28.50 25.69 44.86
C ASP D 132 -28.53 25.61 43.34
N LYS D 133 -27.88 24.59 42.82
CA LYS D 133 -27.72 24.38 41.36
C LYS D 133 -28.77 23.39 40.87
N SER D 134 -29.14 23.49 39.60
CA SER D 134 -30.23 22.66 39.11
C SER D 134 -30.16 22.57 37.60
N VAL D 135 -30.62 21.43 37.06
CA VAL D 135 -30.76 21.25 35.62
C VAL D 135 -32.17 20.77 35.33
N CYS D 136 -32.57 20.90 34.08
CA CYS D 136 -33.90 20.54 33.61
C CYS D 136 -33.74 19.46 32.56
N LEU D 137 -34.52 18.38 32.69
CA LEU D 137 -34.37 17.21 31.85
C LEU D 137 -35.65 17.02 31.04
N PHE D 138 -35.51 17.03 29.72
CA PHE D 138 -36.64 16.84 28.82
C PHE D 138 -36.45 15.49 28.12
N THR D 139 -37.25 14.49 28.50
CA THR D 139 -36.97 13.12 28.10
C THR D 139 -38.24 12.46 27.57
N ASP D 140 -38.05 11.31 26.93
CA ASP D 140 -39.11 10.36 26.54
C ASP D 140 -39.97 10.85 25.38
N PHE D 141 -39.60 11.95 24.71
CA PHE D 141 -40.27 12.36 23.48
C PHE D 141 -39.87 11.44 22.31
N ASP D 142 -40.72 11.42 21.29
CA ASP D 142 -40.41 10.60 20.12
C ASP D 142 -39.36 11.29 19.26
N SER D 143 -38.85 10.55 18.29
CA SER D 143 -37.65 10.99 17.58
C SER D 143 -37.93 12.00 16.48
N GLN D 144 -39.20 12.31 16.19
CA GLN D 144 -39.53 13.39 15.28
C GLN D 144 -39.38 14.77 15.93
N THR D 145 -39.07 14.82 17.22
CA THR D 145 -39.04 16.09 17.94
C THR D 145 -37.73 16.83 17.70
N ASN D 146 -37.83 18.14 17.53
CA ASN D 146 -36.68 19.02 17.37
C ASN D 146 -36.49 19.82 18.63
N VAL D 147 -35.25 19.89 19.10
CA VAL D 147 -34.91 20.58 20.34
C VAL D 147 -34.32 21.94 19.99
N SER D 148 -34.96 23.00 20.50
CA SER D 148 -34.57 24.36 20.19
C SER D 148 -33.34 24.79 20.99
N GLN D 149 -32.40 25.43 20.30
CA GLN D 149 -31.25 26.00 20.99
C GLN D 149 -31.66 27.24 21.78
N SER D 150 -30.91 27.48 22.86
CA SER D 150 -31.21 28.54 23.79
C SER D 150 -31.21 29.91 23.12
N LYS D 151 -32.19 30.70 23.56
CA LYS D 151 -32.39 32.07 23.08
C LYS D 151 -32.43 33.00 24.30
N ASP D 152 -31.74 32.62 25.35
CA ASP D 152 -31.69 33.53 26.51
C ASP D 152 -30.31 34.14 26.56
N SER D 153 -29.33 33.38 26.08
CA SER D 153 -27.87 33.65 25.98
C SER D 153 -27.16 33.31 27.30
N ASP D 154 -27.89 32.80 28.28
CA ASP D 154 -27.22 32.41 29.54
C ASP D 154 -27.93 31.12 29.98
N VAL D 155 -28.80 30.63 29.12
CA VAL D 155 -29.37 29.30 29.34
C VAL D 155 -28.75 28.38 28.29
N TYR D 156 -28.46 27.14 28.69
CA TYR D 156 -27.85 26.18 27.77
C TYR D 156 -28.81 25.03 27.56
N ILE D 157 -29.03 24.67 26.30
CA ILE D 157 -29.89 23.55 25.94
C ILE D 157 -29.11 22.65 25.01
N THR D 158 -28.93 21.39 25.39
CA THR D 158 -28.18 20.46 24.57
C THR D 158 -29.08 19.87 23.49
N ASP D 159 -28.46 19.17 22.55
CA ASP D 159 -29.24 18.47 21.55
C ASP D 159 -29.82 17.21 22.18
N LYS D 160 -30.64 16.48 21.43
CA LYS D 160 -31.21 15.25 21.94
C LYS D 160 -30.17 14.13 21.88
N CYS D 161 -30.38 13.12 22.71
CA CYS D 161 -29.41 12.08 22.99
C CYS D 161 -30.18 10.81 23.30
N VAL D 162 -29.95 9.72 22.56
CA VAL D 162 -30.69 8.47 22.78
C VAL D 162 -29.85 7.51 23.62
N LEU D 163 -30.42 7.05 24.73
CA LEU D 163 -29.78 6.06 25.58
C LEU D 163 -30.54 4.75 25.49
N ASP D 164 -29.84 3.66 25.80
CA ASP D 164 -30.42 2.33 25.67
C ASP D 164 -30.26 1.60 26.99
N MET D 165 -31.38 1.38 27.70
CA MET D 165 -31.35 0.51 28.88
C MET D 165 -31.61 -0.90 28.38
N ARG D 166 -30.55 -1.51 27.90
CA ARG D 166 -30.58 -2.83 27.27
C ARG D 166 -31.12 -3.90 28.21
N SER D 167 -30.87 -3.81 29.49
CA SER D 167 -31.39 -4.85 30.34
C SER D 167 -32.91 -4.75 30.52
N MET D 168 -33.55 -3.73 29.95
CA MET D 168 -35.00 -3.58 30.00
C MET D 168 -35.59 -3.42 28.62
N ASP D 169 -34.77 -3.60 27.59
CA ASP D 169 -35.17 -3.41 26.20
C ASP D 169 -35.99 -2.14 26.05
N PHE D 170 -35.43 -1.06 26.58
CA PHE D 170 -36.08 0.24 26.62
C PHE D 170 -35.10 1.30 26.12
N LYS D 171 -35.62 2.26 25.34
CA LYS D 171 -34.81 3.30 24.70
C LYS D 171 -35.50 4.65 24.86
N SER D 172 -34.74 5.69 25.12
CA SER D 172 -35.37 7.01 25.26
C SER D 172 -34.44 8.12 24.80
N ASN D 173 -35.06 9.23 24.38
CA ASN D 173 -34.41 10.47 24.04
C ASN D 173 -34.40 11.40 25.25
N SER D 174 -33.46 12.34 25.27
CA SER D 174 -33.47 13.35 26.31
C SER D 174 -32.58 14.52 25.93
N ALA D 175 -32.91 15.69 26.44
CA ALA D 175 -32.10 16.88 26.31
C ALA D 175 -32.02 17.57 27.67
N VAL D 176 -30.91 18.27 27.89
CA VAL D 176 -30.57 18.84 29.19
C VAL D 176 -30.46 20.36 29.05
N ALA D 177 -30.93 21.10 30.04
CA ALA D 177 -30.84 22.58 30.07
C ALA D 177 -30.51 23.06 31.47
N TRP D 178 -29.79 24.18 31.60
CA TRP D 178 -29.47 24.77 32.92
C TRP D 178 -29.12 26.25 32.78
N SER D 179 -28.96 26.96 33.89
CA SER D 179 -28.55 28.40 33.87
C SER D 179 -28.10 28.81 35.26
N ASN D 180 -28.07 30.11 35.54
CA ASN D 180 -27.54 30.61 36.84
C ASN D 180 -28.70 31.06 37.74
N LYS D 181 -29.82 31.41 37.10
CA LYS D 181 -31.05 31.81 37.83
C LYS D 181 -31.37 30.78 38.92
N PHE D 184 -35.18 31.11 36.03
CA PHE D 184 -35.12 29.87 35.23
C PHE D 184 -35.85 28.70 35.89
N ALA D 185 -37.01 28.38 35.32
CA ALA D 185 -37.78 27.21 35.71
C ALA D 185 -37.92 26.30 34.50
N CYS D 186 -38.16 25.03 34.78
CA CYS D 186 -38.06 24.01 33.75
C CYS D 186 -39.32 23.93 32.89
N ALA D 187 -40.47 24.33 33.42
CA ALA D 187 -41.75 24.09 32.75
C ALA D 187 -41.82 24.85 31.43
N ASN D 188 -41.28 26.07 31.40
CA ASN D 188 -41.09 26.79 30.15
C ASN D 188 -39.61 27.01 29.87
N ALA D 189 -38.81 25.96 30.08
CA ALA D 189 -37.44 25.96 29.61
C ALA D 189 -37.34 25.49 28.17
N PHE D 190 -38.10 24.46 27.80
CA PHE D 190 -38.11 23.93 26.44
C PHE D 190 -39.32 24.41 25.66
N ASN D 191 -39.80 25.61 25.96
CA ASN D 191 -41.03 26.08 25.28
C ASN D 191 -40.76 26.37 23.81
N ASN D 192 -39.55 26.83 23.45
CA ASN D 192 -39.32 27.15 22.02
C ASN D 192 -39.04 25.87 21.21
N SER D 193 -38.78 24.73 21.87
CA SER D 193 -38.54 23.47 21.15
C SER D 193 -39.86 22.93 20.61
N ASP E 2 -3.56 -5.49 26.93
CA ASP E 2 -4.27 -5.63 25.64
C ASP E 2 -3.39 -6.19 24.51
N ALA E 3 -3.99 -7.03 23.68
CA ALA E 3 -3.35 -7.62 22.50
C ALA E 3 -3.78 -6.93 21.21
N GLY E 4 -3.94 -5.61 21.26
CA GLY E 4 -4.29 -4.81 20.10
C GLY E 4 -3.19 -3.79 19.81
N VAL E 5 -3.50 -2.82 18.96
CA VAL E 5 -2.56 -1.73 18.68
C VAL E 5 -2.64 -0.73 19.85
N ILE E 6 -1.50 -0.50 20.50
CA ILE E 6 -1.39 0.44 21.62
C ILE E 6 -0.92 1.80 21.12
N GLN E 7 -1.58 2.87 21.55
CA GLN E 7 -1.19 4.22 21.16
C GLN E 7 -1.07 5.14 22.37
N SER E 8 0.16 5.61 22.66
CA SER E 8 0.45 6.51 23.76
C SER E 8 0.61 7.95 23.25
N PRO E 9 -0.12 8.93 23.80
CA PRO E 9 -1.24 8.82 24.75
C PRO E 9 -2.56 9.07 24.08
N ARG E 10 -3.68 8.88 24.77
CA ARG E 10 -4.98 9.02 24.10
C ARG E 10 -5.13 10.42 23.54
N HIS E 11 -4.94 11.44 24.37
CA HIS E 11 -4.97 12.84 23.92
C HIS E 11 -3.64 13.50 24.23
N GLU E 12 -3.42 14.66 23.61
CA GLU E 12 -2.29 15.50 23.98
C GLU E 12 -2.53 16.92 23.50
N VAL E 13 -2.37 17.87 24.43
CA VAL E 13 -2.41 19.30 24.13
C VAL E 13 -0.99 19.84 24.26
N THR E 14 -0.46 20.41 23.18
CA THR E 14 0.80 21.15 23.27
C THR E 14 0.61 22.54 22.67
N GLU E 15 1.49 23.43 23.09
CA GLU E 15 1.58 24.78 22.55
C GLU E 15 2.46 24.74 21.31
N MET E 16 2.07 25.48 20.28
CA MET E 16 2.86 25.56 19.04
C MET E 16 4.33 25.87 19.35
N GLY E 17 5.21 25.51 18.42
CA GLY E 17 6.63 25.59 18.64
C GLY E 17 7.22 24.41 19.39
N GLN E 18 6.47 23.80 20.30
CA GLN E 18 6.94 22.65 21.07
C GLN E 18 7.13 21.42 20.17
N GLU E 19 7.76 20.42 20.75
CA GLU E 19 7.97 19.13 20.11
C GLU E 19 6.83 18.20 20.46
N VAL E 20 6.57 17.23 19.57
CA VAL E 20 5.48 16.27 19.72
C VAL E 20 5.97 14.93 19.19
N THR E 21 5.94 13.91 20.04
CA THR E 21 6.36 12.55 19.68
C THR E 21 5.27 11.56 20.05
N LEU E 22 4.53 11.09 19.04
CA LEU E 22 3.52 10.05 19.22
C LEU E 22 4.13 8.66 19.06
N ARG E 23 3.63 7.72 19.86
CA ARG E 23 4.19 6.39 19.93
C ARG E 23 3.12 5.34 19.64
N CYS E 24 3.53 4.24 19.01
CA CYS E 24 2.60 3.19 18.64
C CYS E 24 3.27 1.84 18.77
N LYS E 25 2.54 0.86 19.31
CA LYS E 25 3.00 -0.51 19.45
C LYS E 25 2.08 -1.42 18.65
N PRO E 26 2.61 -2.25 17.74
CA PRO E 26 1.74 -3.07 16.90
C PRO E 26 1.29 -4.34 17.62
N ILE E 27 0.23 -4.92 17.08
CA ILE E 27 -0.17 -6.26 17.49
C ILE E 27 1.02 -7.21 17.34
N SER E 28 1.26 -8.04 18.36
CA SER E 28 2.42 -8.91 18.35
C SER E 28 2.32 -9.91 17.22
N GLY E 29 3.46 -10.18 16.59
CA GLY E 29 3.51 -10.99 15.38
C GLY E 29 3.33 -10.20 14.11
N HIS E 30 2.63 -9.08 14.16
CA HIS E 30 2.50 -8.21 12.99
C HIS E 30 3.85 -7.60 12.66
N ASN E 31 4.19 -7.59 11.37
CA ASN E 31 5.49 -7.13 10.91
C ASN E 31 5.41 -5.87 10.05
N SER E 32 4.27 -5.18 10.09
CA SER E 32 4.06 -4.01 9.24
C SER E 32 3.20 -3.00 10.00
N LEU E 33 3.62 -1.74 9.99
CA LEU E 33 2.98 -0.69 10.76
C LEU E 33 2.71 0.52 9.86
N PHE E 34 1.55 1.13 10.01
CA PHE E 34 1.11 2.25 9.19
C PHE E 34 0.74 3.43 10.08
N TRP E 35 1.06 4.65 9.64
CA TRP E 35 0.60 5.88 10.29
C TRP E 35 -0.41 6.61 9.39
N TYR E 36 -1.50 7.07 9.99
CA TYR E 36 -2.49 7.90 9.30
C TYR E 36 -2.79 9.12 10.16
N ARG E 37 -3.38 10.11 9.52
CA ARG E 37 -3.97 11.21 10.27
C ARG E 37 -5.36 11.49 9.72
N GLN E 38 -6.26 11.83 10.63
CA GLN E 38 -7.64 12.15 10.29
C GLN E 38 -7.90 13.60 10.63
N THR E 39 -8.45 14.34 9.70
CA THR E 39 -8.86 15.72 9.87
C THR E 39 -10.29 15.86 9.40
N MET E 40 -10.92 16.97 9.76
CA MET E 40 -12.23 17.23 9.16
C MET E 40 -12.09 17.80 7.76
N MET E 41 -10.96 18.42 7.45
CA MET E 41 -10.76 18.97 6.11
C MET E 41 -10.38 17.89 5.11
N ARG E 42 -9.40 17.04 5.45
CA ARG E 42 -8.80 16.13 4.49
C ARG E 42 -9.20 14.67 4.65
N GLY E 43 -9.86 14.30 5.74
CA GLY E 43 -10.22 12.90 5.93
C GLY E 43 -9.03 12.08 6.41
N LEU E 44 -9.07 10.79 6.08
CA LEU E 44 -7.99 9.88 6.43
C LEU E 44 -6.89 9.95 5.37
N GLU E 45 -5.69 10.33 5.79
CA GLU E 45 -4.55 10.44 4.91
C GLU E 45 -3.44 9.55 5.42
N LEU E 46 -2.90 8.70 4.54
CA LEU E 46 -1.74 7.88 4.87
C LEU E 46 -0.51 8.76 5.01
N LEU E 47 0.28 8.51 6.05
CA LEU E 47 1.48 9.30 6.34
C LEU E 47 2.76 8.55 5.98
N ILE E 48 2.92 7.33 6.48
CA ILE E 48 4.09 6.52 6.22
C ILE E 48 3.75 5.10 6.64
N TYR E 49 4.40 4.11 6.06
CA TYR E 49 4.28 2.77 6.62
C TYR E 49 5.59 2.02 6.50
N PHE E 50 5.74 1.04 7.37
CA PHE E 50 6.92 0.20 7.46
C PHE E 50 6.52 -1.25 7.26
N ASN E 51 7.45 -2.03 6.74
CA ASN E 51 7.38 -3.48 6.77
C ASN E 51 8.77 -3.94 7.22
N ASN E 52 8.81 -4.77 8.27
CA ASN E 52 10.09 -5.22 8.86
C ASN E 52 10.94 -4.07 9.37
N ASN E 53 10.33 -2.96 9.74
CA ASN E 53 11.01 -1.73 10.20
C ASN E 53 11.64 -0.94 9.06
N VAL E 54 11.47 -1.38 7.83
CA VAL E 54 11.96 -0.62 6.68
C VAL E 54 10.87 0.35 6.22
N PRO E 55 11.17 1.63 6.08
CA PRO E 55 10.19 2.59 5.55
C PRO E 55 9.84 2.33 4.09
N ILE E 56 8.65 1.82 3.82
CA ILE E 56 8.25 1.44 2.45
C ILE E 56 7.77 2.63 1.64
N ASP E 57 7.08 3.58 2.25
CA ASP E 57 6.57 4.68 1.43
C ASP E 57 6.42 5.90 2.31
N ASP E 58 6.98 7.02 1.94
CA ASP E 58 6.78 8.18 2.83
C ASP E 58 6.25 9.34 2.02
N SER E 59 5.55 9.03 0.93
CA SER E 59 4.91 10.03 0.08
C SER E 59 4.16 11.07 0.91
N GLY E 60 3.18 10.61 1.68
CA GLY E 60 2.25 11.49 2.37
C GLY E 60 2.83 12.19 3.57
N MET E 61 4.14 12.10 3.77
CA MET E 61 4.63 12.84 4.91
C MET E 61 4.72 14.33 4.58
N PRO E 62 4.33 15.20 5.50
CA PRO E 62 4.65 16.63 5.35
C PRO E 62 6.13 16.81 5.06
N GLU E 63 6.43 17.74 4.16
CA GLU E 63 7.76 17.80 3.57
C GLU E 63 8.84 18.26 4.55
N ASP E 64 8.50 18.78 5.74
CA ASP E 64 9.59 19.36 6.49
C ASP E 64 9.62 19.11 7.99
N ARG E 65 8.47 19.10 8.66
CA ARG E 65 8.48 19.07 10.12
C ARG E 65 8.24 17.67 10.70
N PHE E 66 8.02 16.66 9.87
CA PHE E 66 7.54 15.37 10.31
C PHE E 66 8.61 14.31 10.12
N SER E 67 8.70 13.41 11.09
CA SER E 67 9.72 12.37 11.14
C SER E 67 9.10 11.09 11.71
N ALA E 68 9.57 9.93 11.23
CA ALA E 68 9.08 8.66 11.76
C ALA E 68 10.22 7.64 11.79
N LYS E 69 10.22 6.81 12.82
CA LYS E 69 11.18 5.74 13.00
C LYS E 69 10.42 4.48 13.42
N MET E 70 10.99 3.32 13.12
CA MET E 70 10.53 2.07 13.70
C MET E 70 11.77 1.32 14.15
N PRO E 71 12.25 1.60 15.36
CA PRO E 71 13.56 1.08 15.79
C PRO E 71 13.62 -0.42 15.93
N ASN E 72 12.51 -1.06 16.28
CA ASN E 72 12.43 -2.51 16.24
C ASN E 72 10.98 -2.90 16.06
N ALA E 73 10.73 -4.21 15.97
CA ALA E 73 9.39 -4.68 15.62
C ALA E 73 8.33 -4.27 16.63
N SER E 74 8.70 -3.80 17.83
CA SER E 74 7.73 -3.61 18.90
C SER E 74 7.21 -2.19 19.03
N PHE E 75 7.79 -1.20 18.35
CA PHE E 75 7.26 0.15 18.50
C PHE E 75 7.71 1.06 17.36
N SER E 76 6.95 2.13 17.17
CA SER E 76 7.27 3.17 16.19
C SER E 76 6.93 4.53 16.77
N THR E 77 7.78 5.51 16.49
CA THR E 77 7.49 6.89 16.85
C THR E 77 7.24 7.68 15.58
N LEU E 78 6.27 8.60 15.65
CA LEU E 78 6.09 9.65 14.66
C LEU E 78 6.28 10.97 15.38
N LYS E 79 7.19 11.81 14.88
CA LYS E 79 7.62 13.00 15.58
C LYS E 79 7.34 14.24 14.75
N ILE E 80 6.87 15.29 15.41
CA ILE E 80 6.61 16.58 14.79
C ILE E 80 7.50 17.60 15.47
N GLN E 81 8.29 18.33 14.66
CA GLN E 81 9.10 19.44 15.19
C GLN E 81 9.33 20.51 14.15
N PRO E 82 8.94 21.76 14.43
CA PRO E 82 8.14 22.08 15.61
C PRO E 82 6.64 21.94 15.33
N SER E 83 5.86 21.71 16.37
CA SER E 83 4.42 21.59 16.19
C SER E 83 3.81 22.92 15.79
N GLU E 84 2.82 22.86 14.91
CA GLU E 84 2.05 24.01 14.49
C GLU E 84 0.57 23.69 14.56
N PRO E 85 -0.28 24.69 14.80
CA PRO E 85 -1.72 24.43 14.85
C PRO E 85 -2.22 23.58 13.70
N ARG E 86 -1.67 23.74 12.50
CA ARG E 86 -2.14 22.95 11.36
C ARG E 86 -1.88 21.47 11.55
N ASP E 87 -1.01 21.10 12.49
CA ASP E 87 -0.72 19.69 12.75
C ASP E 87 -1.79 19.02 13.59
N SER E 88 -2.75 19.79 14.14
CA SER E 88 -3.80 19.23 14.95
C SER E 88 -4.67 18.29 14.12
N ALA E 89 -4.78 17.04 14.57
CA ALA E 89 -5.54 15.99 13.90
C ALA E 89 -5.61 14.81 14.86
N VAL E 90 -6.21 13.71 14.40
CA VAL E 90 -6.14 12.46 15.14
C VAL E 90 -5.19 11.54 14.39
N TYR E 91 -4.18 11.04 15.10
CA TYR E 91 -3.10 10.30 14.46
C TYR E 91 -3.29 8.81 14.74
N PHE E 92 -3.61 8.06 13.69
CA PHE E 92 -3.93 6.67 13.86
C PHE E 92 -2.74 5.81 13.46
N CYS E 93 -2.54 4.74 14.21
CA CYS E 93 -1.58 3.72 13.90
C CYS E 93 -2.31 2.44 13.59
N ALA E 94 -1.86 1.70 12.58
CA ALA E 94 -2.45 0.41 12.26
C ALA E 94 -1.33 -0.58 11.96
N SER E 95 -1.58 -1.85 12.25
CA SER E 95 -0.61 -2.89 11.92
C SER E 95 -1.28 -4.00 11.10
N THR E 96 -0.44 -4.78 10.40
CA THR E 96 -0.86 -5.93 9.61
C THR E 96 0.22 -6.97 9.68
N TRP E 97 -0.10 -8.19 9.26
CA TRP E 97 0.87 -9.28 9.29
C TRP E 97 2.11 -8.97 8.46
N GLY E 98 1.98 -8.15 7.41
CA GLY E 98 3.10 -7.83 6.55
C GLY E 98 3.36 -8.83 5.44
N ARG E 99 2.42 -9.73 5.17
CA ARG E 99 2.64 -10.68 4.08
C ARG E 99 2.35 -10.04 2.72
N ALA E 100 1.40 -9.10 2.67
CA ALA E 100 1.01 -8.47 1.42
C ALA E 100 0.32 -7.14 1.73
N SER E 101 0.29 -6.26 0.75
CA SER E 101 -0.35 -4.94 0.92
C SER E 101 -1.86 -5.11 0.99
N THR E 102 -2.37 -6.31 0.74
CA THR E 102 -3.82 -6.48 0.83
C THR E 102 -4.22 -7.00 2.20
N ASP E 103 -3.25 -7.28 3.04
CA ASP E 103 -3.52 -7.75 4.43
C ASP E 103 -4.44 -6.78 5.16
N THR E 104 -5.35 -7.30 5.96
CA THR E 104 -6.28 -6.45 6.69
C THR E 104 -5.55 -5.60 7.72
N GLN E 105 -5.87 -4.30 7.74
CA GLN E 105 -5.24 -3.38 8.68
C GLN E 105 -6.04 -3.30 9.98
N TYR E 106 -5.33 -3.43 11.10
CA TYR E 106 -5.91 -3.34 12.45
C TYR E 106 -5.52 -2.01 13.08
N PHE E 107 -6.52 -1.20 13.42
CA PHE E 107 -6.31 0.20 13.81
C PHE E 107 -6.27 0.40 15.32
N GLY E 108 -5.41 1.31 15.76
CA GLY E 108 -5.39 1.74 17.14
C GLY E 108 -6.45 2.78 17.43
N PRO E 109 -6.56 3.13 18.72
CA PRO E 109 -7.59 4.10 19.13
C PRO E 109 -7.32 5.52 18.69
N GLY E 110 -6.10 5.82 18.24
CA GLY E 110 -5.73 7.16 17.84
C GLY E 110 -5.13 7.97 18.99
N THR E 111 -4.39 9.01 18.61
CA THR E 111 -3.94 10.06 19.51
C THR E 111 -4.40 11.38 18.90
N ARG E 112 -5.41 12.01 19.49
CA ARG E 112 -5.83 13.30 18.98
C ARG E 112 -4.95 14.37 19.60
N LEU E 113 -4.32 15.16 18.75
CA LEU E 113 -3.37 16.18 19.13
C LEU E 113 -3.96 17.53 18.75
N THR E 114 -4.01 18.45 19.71
CA THR E 114 -4.39 19.82 19.42
C THR E 114 -3.18 20.70 19.72
N VAL E 115 -2.78 21.49 18.74
CA VAL E 115 -1.66 22.41 18.87
C VAL E 115 -2.25 23.81 18.97
N LEU E 116 -2.24 24.38 20.17
CA LEU E 116 -2.80 25.71 20.41
C LEU E 116 -1.76 26.80 20.17
N GLU E 117 -2.24 27.98 19.75
CA GLU E 117 -1.34 29.11 19.56
C GLU E 117 -0.67 29.53 20.86
N ASP E 118 -1.38 29.38 21.97
CA ASP E 118 -0.82 29.54 23.30
C ASP E 118 -1.77 28.89 24.31
N LEU E 119 -1.20 28.55 25.47
CA LEU E 119 -1.95 27.82 26.49
C LEU E 119 -2.69 28.73 27.47
N LYS E 120 -2.83 30.03 27.16
CA LYS E 120 -3.52 30.95 28.05
C LYS E 120 -4.98 30.60 28.24
N ASN E 121 -5.57 29.88 27.28
CA ASN E 121 -7.01 29.63 27.30
C ASN E 121 -7.39 28.27 27.87
N VAL E 122 -6.43 27.48 28.33
CA VAL E 122 -6.69 26.11 28.75
C VAL E 122 -7.30 26.13 30.14
N PHE E 123 -8.46 25.48 30.30
CA PHE E 123 -9.18 25.41 31.58
C PHE E 123 -9.62 23.97 31.85
N PRO E 124 -9.43 23.47 33.07
CA PRO E 124 -9.97 22.14 33.42
C PRO E 124 -11.48 22.22 33.55
N PRO E 125 -12.18 21.08 33.64
CA PRO E 125 -13.63 21.14 33.80
C PRO E 125 -14.05 21.09 35.26
N GLU E 126 -15.15 21.78 35.57
CA GLU E 126 -15.91 21.53 36.78
C GLU E 126 -16.96 20.47 36.49
N VAL E 127 -17.23 19.63 37.48
CA VAL E 127 -18.10 18.47 37.31
C VAL E 127 -19.12 18.45 38.43
N ALA E 128 -20.39 18.34 38.07
CA ALA E 128 -21.47 18.17 39.04
C ALA E 128 -22.40 17.06 38.60
N VAL E 129 -22.93 16.33 39.57
CA VAL E 129 -23.93 15.28 39.33
C VAL E 129 -25.27 15.71 39.93
N PHE E 130 -26.34 15.52 39.16
CA PHE E 130 -27.68 15.93 39.52
C PHE E 130 -28.58 14.71 39.72
N GLU E 131 -29.16 14.58 40.92
CA GLU E 131 -29.90 13.39 41.30
C GLU E 131 -31.26 13.35 40.59
N PRO E 132 -31.81 12.14 40.37
CA PRO E 132 -33.05 12.02 39.58
C PRO E 132 -34.21 12.80 40.18
N SER E 133 -35.07 13.30 39.31
CA SER E 133 -36.32 13.89 39.76
C SER E 133 -37.25 12.80 40.27
N GLU E 134 -37.77 12.98 41.50
CA GLU E 134 -38.71 12.03 42.06
C GLU E 134 -40.03 11.96 41.28
N ALA E 135 -40.35 13.00 40.51
CA ALA E 135 -41.52 12.91 39.64
C ALA E 135 -41.26 11.92 38.50
N GLU E 136 -40.03 11.90 37.97
CA GLU E 136 -39.70 10.91 36.96
C GLU E 136 -39.78 9.50 37.54
N ILE E 137 -39.24 9.30 38.74
CA ILE E 137 -39.32 8.01 39.40
C ILE E 137 -40.78 7.55 39.55
N SER E 138 -41.67 8.45 39.99
CA SER E 138 -43.06 8.03 40.19
C SER E 138 -43.78 7.84 38.86
N HIS E 139 -43.55 8.73 37.89
CA HIS E 139 -44.23 8.54 36.60
C HIS E 139 -43.72 7.34 35.79
N THR E 140 -42.42 6.98 35.88
CA THR E 140 -41.87 6.00 34.93
C THR E 140 -41.18 4.80 35.56
N GLN E 141 -40.96 4.79 36.86
CA GLN E 141 -40.20 3.75 37.57
C GLN E 141 -38.76 3.66 37.07
N LYS E 142 -38.30 4.70 36.37
CA LYS E 142 -36.89 4.84 36.01
C LYS E 142 -36.34 6.12 36.63
N ALA E 143 -35.01 6.24 36.65
CA ALA E 143 -34.31 7.33 37.34
C ALA E 143 -33.14 7.82 36.50
N THR E 144 -33.19 9.08 36.06
CA THR E 144 -32.11 9.64 35.24
C THR E 144 -31.20 10.53 36.06
N LEU E 145 -29.95 10.12 36.22
CA LEU E 145 -28.92 11.03 36.68
C LEU E 145 -28.40 11.87 35.51
N VAL E 146 -27.96 13.08 35.83
CA VAL E 146 -27.32 13.95 34.84
C VAL E 146 -25.98 14.41 35.38
N CYS E 147 -24.97 14.43 34.52
CA CYS E 147 -23.64 14.94 34.86
C CYS E 147 -23.33 16.11 33.93
N LEU E 148 -22.88 17.22 34.52
CA LEU E 148 -22.52 18.41 33.75
C LEU E 148 -21.02 18.64 33.90
N ALA E 149 -20.33 18.70 32.76
CA ALA E 149 -18.92 19.05 32.73
C ALA E 149 -18.82 20.41 32.10
N THR E 150 -18.40 21.41 32.87
CA THR E 150 -18.53 22.80 32.45
C THR E 150 -17.19 23.52 32.50
N GLY E 151 -17.09 24.57 31.67
CA GLY E 151 -15.99 25.51 31.72
C GLY E 151 -14.63 25.01 31.27
N PHE E 152 -14.56 23.98 30.43
CA PHE E 152 -13.27 23.44 30.04
C PHE E 152 -12.88 23.92 28.65
N TYR E 153 -11.58 23.84 28.37
CA TYR E 153 -10.97 24.17 27.08
C TYR E 153 -9.58 23.61 27.05
N PRO E 154 -9.10 23.06 25.91
CA PRO E 154 -9.85 22.78 24.68
C PRO E 154 -10.79 21.58 24.88
N ASP E 155 -11.32 21.01 23.80
CA ASP E 155 -12.37 19.97 23.89
C ASP E 155 -11.72 18.58 24.05
N HIS E 156 -11.03 18.41 25.18
CA HIS E 156 -10.23 17.20 25.41
C HIS E 156 -10.67 16.55 26.71
N VAL E 157 -11.89 16.03 26.73
CA VAL E 157 -12.47 15.41 27.92
C VAL E 157 -12.99 14.02 27.57
N GLU E 158 -12.97 13.14 28.56
CA GLU E 158 -13.45 11.77 28.43
C GLU E 158 -14.34 11.50 29.64
N LEU E 159 -15.65 11.57 29.42
CA LEU E 159 -16.64 11.45 30.49
C LEU E 159 -17.09 10.01 30.59
N SER E 160 -16.96 9.42 31.78
CA SER E 160 -17.42 8.07 32.01
C SER E 160 -18.21 8.04 33.31
N TRP E 161 -19.08 7.05 33.43
CA TRP E 161 -19.88 6.83 34.63
C TRP E 161 -19.38 5.59 35.35
N TRP E 162 -19.36 5.64 36.67
CA TRP E 162 -18.83 4.55 37.49
C TRP E 162 -19.86 4.22 38.57
N VAL E 163 -20.41 3.01 38.52
CA VAL E 163 -21.38 2.53 39.51
C VAL E 163 -20.69 1.45 40.34
N ASN E 164 -20.61 1.68 41.65
CA ASN E 164 -19.97 0.73 42.57
C ASN E 164 -18.62 0.29 42.03
N GLY E 165 -17.88 1.25 41.46
CA GLY E 165 -16.51 1.03 41.03
C GLY E 165 -16.32 0.45 39.63
N LYS E 166 -17.38 -0.02 38.96
CA LYS E 166 -17.25 -0.53 37.60
C LYS E 166 -17.70 0.55 36.63
N GLU E 167 -16.93 0.74 35.56
CA GLU E 167 -17.35 1.69 34.54
C GLU E 167 -18.60 1.16 33.87
N VAL E 168 -19.56 2.03 33.58
CA VAL E 168 -20.87 1.63 33.10
C VAL E 168 -21.09 2.21 31.72
N HIS E 169 -21.56 1.37 30.81
CA HIS E 169 -21.94 1.78 29.47
C HIS E 169 -23.45 1.66 29.20
N SER E 170 -24.12 0.67 29.79
CA SER E 170 -25.54 0.52 29.56
C SER E 170 -26.34 1.63 30.25
N GLY E 171 -27.18 2.31 29.48
CA GLY E 171 -28.02 3.36 30.01
C GLY E 171 -27.40 4.73 29.99
N VAL E 172 -26.25 4.91 29.30
CA VAL E 172 -25.53 6.18 29.26
C VAL E 172 -25.79 6.84 27.91
N CYS E 173 -25.84 8.16 27.92
CA CYS E 173 -25.81 8.95 26.69
C CYS E 173 -25.06 10.22 27.01
N THR E 174 -23.98 10.47 26.28
CA THR E 174 -23.19 11.69 26.43
C THR E 174 -23.31 12.50 25.15
N ASP E 175 -23.56 13.80 25.30
CA ASP E 175 -23.64 14.75 24.19
C ASP E 175 -22.52 14.49 23.20
N PRO E 176 -22.83 14.24 21.92
CA PRO E 176 -21.76 14.00 20.94
C PRO E 176 -20.91 15.24 20.64
N GLN E 177 -21.43 16.43 20.88
CA GLN E 177 -20.68 17.66 20.72
C GLN E 177 -20.86 18.50 21.99
N PRO E 178 -19.80 19.12 22.49
CA PRO E 178 -19.99 20.12 23.55
C PRO E 178 -20.66 21.35 22.99
N LEU E 179 -21.03 22.28 23.86
CA LEU E 179 -21.49 23.58 23.39
C LEU E 179 -20.75 24.70 24.10
N LYS E 180 -20.73 25.87 23.47
CA LYS E 180 -19.98 27.01 23.95
C LYS E 180 -20.74 27.75 25.05
N GLU E 181 -20.10 27.96 26.19
CA GLU E 181 -20.77 28.68 27.27
C GLU E 181 -20.95 30.15 26.91
N GLN E 182 -20.06 30.68 26.09
CA GLN E 182 -20.15 32.03 25.54
C GLN E 182 -20.00 31.86 24.03
N PRO E 183 -21.09 31.52 23.33
CA PRO E 183 -20.95 31.16 21.90
C PRO E 183 -20.46 32.30 21.00
N ALA E 184 -20.45 33.55 21.50
CA ALA E 184 -19.97 34.69 20.72
C ALA E 184 -18.45 34.70 20.54
N LEU E 185 -17.70 33.92 21.32
CA LEU E 185 -16.25 33.96 21.37
C LEU E 185 -15.65 32.70 20.76
N ASN E 186 -14.50 32.87 20.09
CA ASN E 186 -13.86 31.74 19.41
C ASN E 186 -13.13 30.82 20.40
N ASP E 187 -12.60 31.38 21.48
CA ASP E 187 -11.92 30.63 22.52
C ASP E 187 -12.84 30.35 23.71
N SER E 188 -14.15 30.32 23.47
CA SER E 188 -15.08 30.13 24.57
C SER E 188 -14.89 28.75 25.19
N ARG E 189 -14.98 28.69 26.50
CA ARG E 189 -14.94 27.39 27.15
C ARG E 189 -16.17 26.57 26.79
N TYR E 190 -16.09 25.27 27.08
CA TYR E 190 -17.11 24.32 26.64
C TYR E 190 -17.85 23.73 27.84
N ALA E 191 -19.02 23.18 27.54
CA ALA E 191 -19.78 22.40 28.51
C ALA E 191 -20.27 21.13 27.82
N LEU E 192 -20.30 20.04 28.58
CA LEU E 192 -20.73 18.75 28.08
C LEU E 192 -21.67 18.13 29.11
N SER E 193 -22.75 17.50 28.65
CA SER E 193 -23.66 16.84 29.58
C SER E 193 -23.79 15.35 29.23
N SER E 194 -24.04 14.55 30.25
CA SER E 194 -24.25 13.13 30.07
C SER E 194 -25.38 12.69 30.99
N ARG E 195 -26.15 11.70 30.54
CA ARG E 195 -27.21 11.10 31.31
C ARG E 195 -26.91 9.63 31.55
N LEU E 196 -27.29 9.16 32.75
CA LEU E 196 -27.27 7.77 33.13
C LEU E 196 -28.65 7.41 33.66
N ARG E 197 -29.34 6.47 33.01
CA ARG E 197 -30.68 6.07 33.42
C ARG E 197 -30.64 4.67 34.02
N VAL E 198 -31.14 4.56 35.26
CA VAL E 198 -31.26 3.30 35.97
C VAL E 198 -32.72 3.13 36.37
N SER E 199 -33.09 1.90 36.70
CA SER E 199 -34.45 1.69 37.17
C SER E 199 -34.59 2.32 38.56
N ALA E 200 -35.83 2.69 38.88
CA ALA E 200 -36.11 3.34 40.16
C ALA E 200 -35.59 2.52 41.33
N THR E 201 -35.86 1.22 41.33
CA THR E 201 -35.45 0.43 42.49
C THR E 201 -33.94 0.40 42.65
N PHE E 202 -33.20 0.54 41.54
CA PHE E 202 -31.74 0.53 41.66
C PHE E 202 -31.24 1.85 42.24
N TRP E 203 -31.74 2.97 41.72
CA TRP E 203 -31.44 4.25 42.36
C TRP E 203 -31.97 4.32 43.78
N GLN E 204 -33.03 3.57 44.11
CA GLN E 204 -33.64 3.72 45.43
C GLN E 204 -32.88 2.97 46.53
N ASN E 205 -31.85 2.22 46.17
CA ASN E 205 -31.06 1.48 47.13
C ASN E 205 -29.93 2.38 47.64
N PRO E 206 -29.92 2.74 48.92
CA PRO E 206 -28.93 3.71 49.40
C PRO E 206 -27.50 3.21 49.38
N ARG E 207 -27.28 1.96 48.97
CA ARG E 207 -25.91 1.46 48.93
C ARG E 207 -25.29 1.56 47.54
N ASN E 208 -26.05 1.94 46.53
CA ASN E 208 -25.50 2.14 45.20
C ASN E 208 -24.76 3.47 45.12
N HIS E 209 -23.59 3.42 44.50
CA HIS E 209 -22.68 4.55 44.42
C HIS E 209 -22.55 4.99 42.97
N PHE E 210 -22.84 6.25 42.69
CA PHE E 210 -22.82 6.78 41.34
C PHE E 210 -21.77 7.87 41.24
N ARG E 211 -20.75 7.65 40.41
CA ARG E 211 -19.67 8.61 40.22
C ARG E 211 -19.56 8.95 38.74
N CYS E 212 -19.52 10.24 38.45
CA CYS E 212 -19.26 10.75 37.11
C CYS E 212 -17.82 11.27 37.08
N GLN E 213 -17.00 10.69 36.22
CA GLN E 213 -15.58 11.00 36.14
C GLN E 213 -15.28 11.61 34.78
N VAL E 214 -14.61 12.75 34.78
CA VAL E 214 -14.22 13.42 33.55
C VAL E 214 -12.69 13.46 33.51
N GLN E 215 -12.09 12.70 32.60
CA GLN E 215 -10.65 12.83 32.39
C GLN E 215 -10.41 14.01 31.46
N PHE E 216 -9.55 14.94 31.87
CA PHE E 216 -9.23 16.14 31.13
C PHE E 216 -7.78 16.09 30.72
N TYR E 217 -7.51 16.43 29.48
CA TYR E 217 -6.15 16.38 28.98
C TYR E 217 -5.69 17.82 28.82
N GLY E 218 -4.70 18.19 29.62
CA GLY E 218 -4.24 19.57 29.66
C GLY E 218 -2.73 19.67 29.58
N LEU E 219 -2.14 20.42 30.51
CA LEU E 219 -0.72 20.72 30.47
C LEU E 219 0.10 19.64 31.18
N SER E 220 1.33 19.53 30.72
CA SER E 220 2.28 18.72 31.51
C SER E 220 2.88 19.65 32.56
N GLU E 221 3.68 19.13 33.47
CA GLU E 221 4.30 20.08 34.44
C GLU E 221 5.71 20.47 34.02
N ASN E 222 5.95 20.36 32.72
CA ASN E 222 7.12 20.73 31.92
C ASN E 222 6.63 21.92 31.10
N ASP E 223 5.31 22.08 31.00
CA ASP E 223 4.80 23.32 30.44
C ASP E 223 4.92 24.44 31.47
N GLU E 224 5.10 25.67 30.99
CA GLU E 224 5.22 26.82 31.88
C GLU E 224 3.83 27.40 32.13
N TRP E 225 3.65 27.98 33.32
CA TRP E 225 2.39 28.60 33.70
C TRP E 225 2.65 29.86 34.51
N THR E 226 2.05 30.97 34.07
CA THR E 226 2.16 32.27 34.75
C THR E 226 0.82 33.02 34.72
N GLN E 227 -0.26 32.35 35.15
CA GLN E 227 -1.59 32.95 35.21
C GLN E 227 -2.17 32.79 36.60
N ASP E 228 -3.11 33.67 36.92
CA ASP E 228 -3.61 33.83 38.28
C ASP E 228 -4.67 32.80 38.65
N ARG E 229 -4.37 31.52 38.44
CA ARG E 229 -5.30 30.43 38.68
C ARG E 229 -4.53 29.12 38.54
N ALA E 230 -5.08 28.06 39.10
CA ALA E 230 -4.40 26.78 39.12
C ALA E 230 -3.99 26.36 37.71
N LYS E 231 -2.79 25.80 37.61
CA LYS E 231 -2.28 25.29 36.35
C LYS E 231 -3.25 24.24 35.78
N PRO E 232 -3.71 24.40 34.55
CA PRO E 232 -4.70 23.46 33.96
C PRO E 232 -4.06 22.19 33.45
N VAL E 233 -3.64 21.34 34.38
CA VAL E 233 -2.87 20.16 34.03
C VAL E 233 -3.82 19.00 33.77
N THR E 234 -3.34 18.01 33.03
CA THR E 234 -4.09 16.78 32.83
C THR E 234 -4.55 16.23 34.18
N GLN E 235 -5.86 15.99 34.30
CA GLN E 235 -6.39 15.63 35.61
C GLN E 235 -7.74 14.95 35.45
N ILE E 236 -8.16 14.30 36.53
CA ILE E 236 -9.50 13.75 36.65
C ILE E 236 -10.28 14.61 37.64
N VAL E 237 -11.46 15.06 37.21
CA VAL E 237 -12.41 15.75 38.07
C VAL E 237 -13.66 14.90 38.19
N SER E 238 -14.17 14.76 39.41
CA SER E 238 -15.25 13.84 39.73
C SER E 238 -16.35 14.53 40.52
N ALA E 239 -17.58 14.08 40.31
CA ALA E 239 -18.68 14.33 41.23
C ALA E 239 -19.42 13.01 41.43
N GLU E 240 -20.04 12.85 42.59
CA GLU E 240 -20.69 11.59 42.92
C GLU E 240 -22.05 11.84 43.56
N ALA E 241 -22.75 10.75 43.85
CA ALA E 241 -24.03 10.75 44.54
C ALA E 241 -24.30 9.31 44.98
N TRP E 242 -25.16 9.17 45.98
CA TRP E 242 -25.58 7.87 46.47
C TRP E 242 -27.07 7.69 46.23
N GLY E 243 -27.48 6.43 46.09
CA GLY E 243 -28.90 6.09 46.09
C GLY E 243 -29.60 6.62 47.33
N ARG E 244 -30.88 6.97 47.22
CA ARG E 244 -31.66 7.46 48.35
C ARG E 244 -33.04 6.78 48.33
N ALA E 245 -33.42 6.19 49.47
CA ALA E 245 -34.70 5.49 49.55
C ALA E 245 -35.87 6.44 49.34
N ASP E 246 -35.68 7.73 49.59
CA ASP E 246 -36.77 8.68 49.63
C ASP E 246 -36.26 10.10 49.44
O1 PG4 F . 8.62 -18.67 -18.68
C1 PG4 F . 8.40 -19.21 -17.40
C2 PG4 F . 9.08 -20.58 -17.24
O2 PG4 F . 10.00 -20.56 -16.18
C3 PG4 F . 11.07 -21.49 -16.24
C4 PG4 F . 12.28 -21.05 -15.39
O3 PG4 F . 12.18 -19.68 -15.03
C5 PG4 F . 13.35 -18.96 -14.73
C6 PG4 F . 13.13 -17.45 -15.04
O4 PG4 F . 13.77 -17.10 -16.24
C7 PG4 F . 13.32 -15.95 -16.92
C8 PG4 F . 13.43 -16.12 -18.44
O5 PG4 F . 12.14 -16.28 -19.03
#